data_6BSV
#
_entry.id   6BSV
#
_cell.length_a   64.929
_cell.length_b   94.549
_cell.length_c   144.716
_cell.angle_alpha   90.000
_cell.angle_beta   90.000
_cell.angle_gamma   90.000
#
_symmetry.space_group_name_H-M   'P 21 21 21'
#
loop_
_entity.id
_entity.type
_entity.pdbx_description
1 polymer 'Xyloglucan 6-xylosyltransferase 1'
2 non-polymer 'MANGANESE (II) ION'
3 non-polymer "URIDINE-5'-DIPHOSPHATE"
4 non-polymer 2-AMINO-2-HYDROXYMETHYL-PROPANE-1,3-DIOL
5 non-polymer 'NITRATE ION'
6 water water
#
_entity_poly.entity_id   1
_entity_poly.type   'polypeptide(L)'
_entity_poly.pdbx_seq_one_letter_code
;PYSLGPKISDWDEQRRDWLKQNPSFPNFVAPNKPRVLLVTGSAPKPCENPVGDHYLLKSIKNKIDYCRIHGIEIFYNMAL
LDAEMAGFWAKLPLIRKLLLSHPEIEFLWWMDSDAMFTDMVFELPWERYKDYNLVMHGWNEMVYDQKNWIGLNTGSFLLR
NSQWSLDLLDAWAPMGPKGKIREEAGKVLTRELKDRPAFEADDQSAMVYLLATEREKWGGKVYLESGYYLHGYWGILVDR
YEEMIENHKPGFGDHRWPLVTHFVGCKPCGKFGDYPVERCLRQMDRAFNFGDNQILQMYGFTHKSLGSRRVKPTRNQTDR
PLDAKDEFGLLHPPFKAA
;
_entity_poly.pdbx_strand_id   A,B
#
# COMPACT_ATOMS: atom_id res chain seq x y z
N PRO A 1 -8.01 -10.05 35.22
CA PRO A 1 -7.21 -8.86 34.94
C PRO A 1 -6.60 -8.89 33.55
N TYR A 2 -6.69 -7.79 32.81
CA TYR A 2 -6.30 -7.80 31.41
C TYR A 2 -4.78 -7.85 31.26
N SER A 3 -4.33 -8.55 30.22
CA SER A 3 -2.93 -8.66 29.88
C SER A 3 -2.77 -8.70 28.37
N LEU A 4 -1.71 -8.06 27.88
CA LEU A 4 -1.40 -8.12 26.45
C LEU A 4 -0.80 -9.45 26.03
N GLY A 5 -0.49 -10.33 26.98
CA GLY A 5 0.10 -11.61 26.66
C GLY A 5 1.02 -12.10 27.76
N PRO A 6 1.59 -13.29 27.58
CA PRO A 6 2.50 -13.84 28.59
C PRO A 6 3.73 -12.96 28.77
N LYS A 7 4.16 -12.84 30.02
CA LYS A 7 5.25 -11.92 30.35
C LYS A 7 6.56 -12.39 29.74
N ILE A 8 7.19 -11.50 28.98
CA ILE A 8 8.54 -11.72 28.44
C ILE A 8 9.48 -10.75 29.15
N SER A 9 10.60 -11.27 29.65
CA SER A 9 11.58 -10.46 30.36
C SER A 9 12.95 -10.46 29.71
N ASP A 10 13.20 -11.31 28.72
CA ASP A 10 14.51 -11.46 28.12
C ASP A 10 14.48 -11.14 26.62
N TRP A 11 13.64 -10.19 26.22
CA TRP A 11 13.44 -9.95 24.78
C TRP A 11 14.69 -9.36 24.15
N ASP A 12 15.40 -8.47 24.86
CA ASP A 12 16.61 -7.89 24.29
C ASP A 12 17.64 -8.97 23.97
N GLU A 13 17.72 -10.01 24.82
CA GLU A 13 18.66 -11.09 24.56
C GLU A 13 18.15 -12.00 23.44
N GLN A 14 16.87 -12.37 23.49
CA GLN A 14 16.28 -13.15 22.41
C GLN A 14 16.52 -12.48 21.06
N ARG A 15 16.28 -11.18 20.99
CA ARG A 15 16.46 -10.45 19.73
C ARG A 15 17.90 -10.51 19.25
N ARG A 16 18.84 -10.17 20.14
CA ARG A 16 20.25 -10.20 19.76
C ARG A 16 20.65 -11.56 19.21
N ASP A 17 20.29 -12.63 19.92
CA ASP A 17 20.59 -13.98 19.45
C ASP A 17 19.99 -14.22 18.08
N TRP A 18 18.70 -13.90 17.92
CA TRP A 18 18.04 -14.09 16.63
C TRP A 18 18.79 -13.34 15.53
N LEU A 19 19.17 -12.09 15.80
CA LEU A 19 19.85 -11.28 14.80
C LEU A 19 21.20 -11.86 14.43
N LYS A 20 21.95 -12.37 15.42
CA LYS A 20 23.23 -12.99 15.12
C LYS A 20 23.06 -14.23 14.24
N GLN A 21 21.96 -14.96 14.42
CA GLN A 21 21.70 -16.17 13.64
C GLN A 21 21.06 -15.88 12.29
N ASN A 22 20.56 -14.67 12.07
CA ASN A 22 19.86 -14.32 10.83
C ASN A 22 20.43 -13.03 10.25
N PRO A 23 21.71 -13.04 9.89
CA PRO A 23 22.33 -11.81 9.40
C PRO A 23 21.71 -11.29 8.12
N SER A 24 21.06 -12.15 7.33
CA SER A 24 20.38 -11.71 6.13
C SER A 24 19.18 -10.83 6.43
N PHE A 25 18.76 -10.73 7.69
CA PHE A 25 17.67 -9.86 8.12
C PHE A 25 18.20 -8.90 9.19
N PRO A 26 19.00 -7.92 8.79
CA PRO A 26 19.54 -6.98 9.76
C PRO A 26 18.49 -5.98 10.22
N ASN A 27 18.68 -5.48 11.45
CA ASN A 27 17.84 -4.43 11.98
C ASN A 27 18.30 -3.03 11.57
N PHE A 28 19.43 -2.94 10.85
CA PHE A 28 19.85 -1.70 10.21
C PHE A 28 20.13 -2.00 8.76
N VAL A 29 19.35 -1.37 7.86
CA VAL A 29 19.49 -1.62 6.43
C VAL A 29 20.59 -0.79 5.81
N ALA A 30 21.28 0.05 6.58
CA ALA A 30 22.39 0.87 6.13
C ALA A 30 22.90 1.66 7.31
N PRO A 31 24.11 2.23 7.25
CA PRO A 31 24.65 2.96 8.40
C PRO A 31 23.70 4.02 8.93
N ASN A 32 23.26 3.84 10.18
CA ASN A 32 22.36 4.76 10.88
C ASN A 32 20.96 4.80 10.28
N LYS A 33 20.65 3.90 9.34
CA LYS A 33 19.30 3.79 8.77
C LYS A 33 18.65 2.53 9.33
N PRO A 34 17.83 2.63 10.37
CA PRO A 34 17.19 1.43 10.92
C PRO A 34 16.16 0.85 9.98
N ARG A 35 15.89 -0.44 10.17
CA ARG A 35 14.75 -1.06 9.50
C ARG A 35 13.47 -0.58 10.18
N VAL A 36 12.54 -0.06 9.39
CA VAL A 36 11.31 0.52 9.90
C VAL A 36 10.12 -0.19 9.26
N LEU A 37 9.14 -0.54 10.09
CA LEU A 37 7.84 -0.99 9.62
C LEU A 37 6.83 0.09 9.96
N LEU A 38 6.25 0.72 8.94
CA LEU A 38 5.15 1.64 9.15
C LEU A 38 3.85 0.85 9.27
N VAL A 39 3.09 1.12 10.33
CA VAL A 39 1.88 0.36 10.63
C VAL A 39 0.70 1.32 10.67
N THR A 40 -0.39 0.93 10.02
CA THR A 40 -1.64 1.67 10.06
C THR A 40 -2.77 0.66 9.99
N GLY A 41 -4.00 1.15 9.86
CA GLY A 41 -5.13 0.26 9.78
C GLY A 41 -6.45 1.01 9.82
N SER A 42 -7.52 0.22 9.78
CA SER A 42 -8.87 0.76 9.82
C SER A 42 -9.83 -0.39 10.10
N ALA A 43 -11.03 -0.03 10.57
CA ALA A 43 -12.00 -1.04 10.95
C ALA A 43 -12.32 -1.94 9.76
N PRO A 44 -12.55 -3.24 9.98
CA PRO A 44 -12.77 -4.16 8.86
C PRO A 44 -14.10 -3.96 8.15
N LYS A 45 -14.97 -3.07 8.62
CA LYS A 45 -16.27 -2.89 8.00
C LYS A 45 -16.34 -1.56 7.25
N PRO A 46 -17.18 -1.46 6.21
CA PRO A 46 -17.30 -0.19 5.48
C PRO A 46 -17.61 0.97 6.41
N CYS A 47 -17.31 2.19 5.98
CA CYS A 47 -17.47 3.35 6.84
C CYS A 47 -18.95 3.69 7.00
N GLU A 48 -19.33 3.98 8.25
CA GLU A 48 -20.66 4.53 8.52
C GLU A 48 -20.98 5.64 7.53
N ASN A 49 -20.15 6.67 7.50
CA ASN A 49 -20.19 7.67 6.44
C ASN A 49 -19.63 7.04 5.18
N PRO A 50 -20.42 6.86 4.11
CA PRO A 50 -19.95 6.00 3.01
C PRO A 50 -18.68 6.50 2.33
N VAL A 51 -18.60 7.79 2.00
CA VAL A 51 -17.42 8.32 1.31
C VAL A 51 -16.16 8.25 2.16
N GLY A 52 -16.30 7.95 3.46
CA GLY A 52 -15.11 7.81 4.31
C GLY A 52 -14.12 6.78 3.77
N ASP A 53 -14.62 5.73 3.11
CA ASP A 53 -13.75 4.70 2.59
C ASP A 53 -12.91 5.22 1.43
N HIS A 54 -13.41 6.19 0.67
CA HIS A 54 -12.62 6.76 -0.41
C HIS A 54 -11.41 7.52 0.13
N TYR A 55 -11.51 8.06 1.35
CA TYR A 55 -10.40 8.78 1.95
C TYR A 55 -9.44 7.85 2.67
N LEU A 56 -9.92 6.72 3.20
CA LEU A 56 -9.00 5.67 3.62
C LEU A 56 -8.16 5.19 2.45
N LEU A 57 -8.77 5.13 1.26
CA LEU A 57 -8.03 4.70 0.07
C LEU A 57 -6.99 5.74 -0.32
N LYS A 58 -7.37 7.01 -0.36
CA LYS A 58 -6.42 8.07 -0.66
C LYS A 58 -5.33 8.12 0.41
N SER A 59 -5.70 7.90 1.68
CA SER A 59 -4.72 7.99 2.75
C SER A 59 -3.66 6.90 2.63
N ILE A 60 -4.05 5.70 2.21
CA ILE A 60 -3.06 4.62 2.11
C ILE A 60 -2.21 4.77 0.86
N LYS A 61 -2.78 5.28 -0.24
CA LYS A 61 -1.94 5.60 -1.39
C LYS A 61 -0.86 6.60 -1.01
N ASN A 62 -1.21 7.59 -0.20
CA ASN A 62 -0.24 8.57 0.26
C ASN A 62 0.90 7.89 1.03
N LYS A 63 0.55 6.96 1.94
CA LYS A 63 1.57 6.27 2.71
C LYS A 63 2.41 5.35 1.85
N ILE A 64 1.80 4.71 0.84
CA ILE A 64 2.55 3.88 -0.09
C ILE A 64 3.63 4.71 -0.78
N ASP A 65 3.27 5.91 -1.23
CA ASP A 65 4.20 6.74 -1.99
C ASP A 65 5.38 7.17 -1.13
N TYR A 66 5.12 7.61 0.10
CA TYR A 66 6.21 8.02 0.99
C TYR A 66 7.08 6.83 1.36
N CYS A 67 6.46 5.72 1.75
CA CYS A 67 7.23 4.56 2.18
C CYS A 67 8.03 3.95 1.03
N ARG A 68 7.52 4.04 -0.19
CA ARG A 68 8.29 3.57 -1.34
C ARG A 68 9.54 4.41 -1.54
N ILE A 69 9.39 5.73 -1.48
CA ILE A 69 10.53 6.64 -1.67
C ILE A 69 11.59 6.38 -0.62
N HIS A 70 11.18 6.29 0.65
CA HIS A 70 12.10 6.23 1.78
C HIS A 70 12.42 4.80 2.21
N GLY A 71 12.06 3.80 1.41
CA GLY A 71 12.44 2.43 1.69
C GLY A 71 11.90 1.93 3.02
N ILE A 72 10.60 2.09 3.25
CA ILE A 72 9.95 1.66 4.47
C ILE A 72 8.84 0.69 4.09
N GLU A 73 8.72 -0.40 4.86
CA GLU A 73 7.67 -1.38 4.64
C GLU A 73 6.40 -0.96 5.35
N ILE A 74 5.27 -1.44 4.83
CA ILE A 74 3.94 -1.07 5.34
C ILE A 74 3.20 -2.32 5.78
N PHE A 75 2.56 -2.25 6.93
CA PHE A 75 1.57 -3.22 7.36
C PHE A 75 0.25 -2.48 7.59
N TYR A 76 -0.81 -2.93 6.92
CA TYR A 76 -2.13 -2.31 7.04
C TYR A 76 -3.06 -3.32 7.69
N ASN A 77 -3.38 -3.11 8.96
CA ASN A 77 -4.18 -4.07 9.72
C ASN A 77 -5.66 -3.74 9.61
N MET A 78 -6.48 -4.78 9.42
CA MET A 78 -7.93 -4.62 9.40
C MET A 78 -8.63 -5.53 10.41
N ALA A 79 -7.88 -6.22 11.27
CA ALA A 79 -8.45 -7.18 12.20
C ALA A 79 -8.46 -6.61 13.62
N LEU A 80 -9.52 -6.91 14.35
CA LEU A 80 -9.60 -6.64 15.78
C LEU A 80 -9.05 -7.86 16.51
N LEU A 81 -7.79 -7.78 16.93
CA LEU A 81 -7.10 -8.91 17.55
C LEU A 81 -7.53 -9.15 18.99
N ASP A 82 -8.31 -8.25 19.59
CA ASP A 82 -8.56 -8.30 21.02
C ASP A 82 -9.86 -7.54 21.28
N ALA A 83 -10.95 -8.27 21.49
CA ALA A 83 -12.26 -7.65 21.67
C ALA A 83 -12.23 -6.57 22.73
N GLU A 84 -11.43 -6.77 23.78
CA GLU A 84 -11.39 -5.80 24.88
C GLU A 84 -10.78 -4.47 24.43
N MET A 85 -9.80 -4.51 23.54
CA MET A 85 -9.07 -3.31 23.14
C MET A 85 -9.58 -2.78 21.79
N ALA A 86 -10.87 -2.46 21.76
CA ALA A 86 -11.48 -1.90 20.57
C ALA A 86 -11.17 -0.42 20.46
N GLY A 87 -11.35 0.13 19.26
CA GLY A 87 -11.13 1.54 19.04
C GLY A 87 -9.67 1.89 18.88
N PHE A 88 -9.32 3.10 19.31
CA PHE A 88 -7.92 3.55 19.23
C PHE A 88 -7.00 2.69 20.08
N TRP A 89 -7.54 1.92 21.02
CA TRP A 89 -6.72 1.01 21.81
C TRP A 89 -6.26 -0.21 21.04
N ALA A 90 -6.82 -0.45 19.85
CA ALA A 90 -6.51 -1.67 19.11
C ALA A 90 -5.06 -1.73 18.64
N LYS A 91 -4.34 -0.61 18.64
CA LYS A 91 -2.97 -0.62 18.13
C LYS A 91 -1.99 -1.25 19.11
N LEU A 92 -2.30 -1.27 20.41
CA LEU A 92 -1.37 -1.87 21.37
C LEU A 92 -1.19 -3.36 21.14
N PRO A 93 -2.24 -4.18 21.11
CA PRO A 93 -2.03 -5.61 20.81
C PRO A 93 -1.36 -5.83 19.45
N LEU A 94 -1.75 -5.04 18.44
CA LEU A 94 -1.14 -5.17 17.13
C LEU A 94 0.36 -4.87 17.18
N ILE A 95 0.73 -3.76 17.81
CA ILE A 95 2.14 -3.37 17.87
C ILE A 95 2.97 -4.43 18.57
N ARG A 96 2.43 -5.00 19.66
CA ARG A 96 3.17 -6.04 20.38
C ARG A 96 3.37 -7.26 19.50
N LYS A 97 2.30 -7.75 18.87
CA LYS A 97 2.41 -8.91 18.00
C LYS A 97 3.47 -8.69 16.91
N LEU A 98 3.49 -7.49 16.33
CA LEU A 98 4.41 -7.23 15.22
C LEU A 98 5.85 -7.14 15.71
N LEU A 99 6.09 -6.46 16.82
CA LEU A 99 7.44 -6.41 17.37
C LEU A 99 7.96 -7.80 17.68
N LEU A 100 7.13 -8.65 18.30
CA LEU A 100 7.57 -9.98 18.65
C LEU A 100 7.75 -10.87 17.42
N SER A 101 6.93 -10.66 16.39
CA SER A 101 6.99 -11.51 15.20
C SER A 101 8.09 -11.07 14.23
N HIS A 102 8.54 -9.81 14.31
CA HIS A 102 9.58 -9.30 13.41
C HIS A 102 10.72 -8.76 14.26
N PRO A 103 11.58 -9.62 14.80
CA PRO A 103 12.74 -9.13 15.55
C PRO A 103 13.69 -8.29 14.70
N GLU A 104 13.62 -8.40 13.38
CA GLU A 104 14.47 -7.59 12.51
C GLU A 104 14.04 -6.13 12.47
N ILE A 105 12.87 -5.79 12.99
CA ILE A 105 12.41 -4.41 13.01
C ILE A 105 13.08 -3.69 14.17
N GLU A 106 13.77 -2.60 13.86
CA GLU A 106 14.32 -1.74 14.91
C GLU A 106 13.28 -0.76 15.41
N PHE A 107 12.57 -0.09 14.49
CA PHE A 107 11.55 0.90 14.83
C PHE A 107 10.25 0.54 14.16
N LEU A 108 9.17 0.49 14.94
CA LEU A 108 7.82 0.42 14.42
C LEU A 108 7.25 1.83 14.39
N TRP A 109 6.73 2.24 13.24
CA TRP A 109 6.20 3.59 13.05
C TRP A 109 4.69 3.49 12.90
N TRP A 110 3.96 3.68 14.01
CA TRP A 110 2.51 3.75 13.92
C TRP A 110 2.08 5.06 13.28
N MET A 111 0.97 5.02 12.54
CA MET A 111 0.45 6.20 11.89
C MET A 111 -1.06 6.09 11.75
N ASP A 112 -1.78 7.02 12.37
CA ASP A 112 -3.22 7.11 12.20
C ASP A 112 -3.59 7.09 10.72
N SER A 113 -4.76 6.52 10.42
CA SER A 113 -5.23 6.50 9.04
C SER A 113 -5.58 7.90 8.55
N ASP A 114 -6.05 8.78 9.46
CA ASP A 114 -6.33 10.17 9.11
C ASP A 114 -5.10 11.06 9.25
N ALA A 115 -3.91 10.49 9.08
CA ALA A 115 -2.66 11.25 9.08
C ALA A 115 -1.96 11.00 7.75
N MET A 116 -1.47 12.07 7.13
CA MET A 116 -1.07 12.03 5.74
C MET A 116 0.29 12.68 5.56
N PHE A 117 1.13 12.07 4.73
CA PHE A 117 2.46 12.61 4.45
C PHE A 117 2.35 13.78 3.49
N THR A 118 2.72 14.98 3.96
CA THR A 118 2.72 16.16 3.12
C THR A 118 4.12 16.69 2.86
N ASP A 119 5.17 15.99 3.32
CA ASP A 119 6.55 16.27 2.91
C ASP A 119 7.16 14.94 2.49
N MET A 120 7.18 14.70 1.17
CA MET A 120 7.70 13.45 0.63
C MET A 120 9.23 13.43 0.56
N VAL A 121 9.89 14.55 0.84
CA VAL A 121 11.34 14.62 0.80
C VAL A 121 11.94 14.36 2.19
N PHE A 122 11.27 14.82 3.23
CA PHE A 122 11.80 14.76 4.58
C PHE A 122 12.02 13.31 5.02
N GLU A 123 13.26 13.00 5.39
CA GLU A 123 13.61 11.74 6.04
C GLU A 123 13.78 11.99 7.54
N LEU A 124 13.29 11.06 8.34
CA LEU A 124 13.37 11.25 9.79
C LEU A 124 14.82 11.30 10.25
N PRO A 125 15.15 12.14 11.23
CA PRO A 125 16.53 12.18 11.80
C PRO A 125 16.77 11.05 12.78
N TRP A 126 17.11 9.87 12.24
CA TRP A 126 17.18 8.67 13.06
C TRP A 126 18.28 8.78 14.12
N GLU A 127 19.44 9.32 13.75
CA GLU A 127 20.55 9.42 14.71
C GLU A 127 20.13 10.17 15.97
N ARG A 128 19.32 11.22 15.81
CA ARG A 128 18.82 11.96 16.96
C ARG A 128 18.17 11.05 17.99
N TYR A 129 17.70 9.87 17.57
CA TYR A 129 16.95 8.97 18.44
C TYR A 129 17.73 7.73 18.83
N LYS A 130 19.05 7.70 18.58
CA LYS A 130 19.82 6.47 18.78
C LYS A 130 19.75 5.96 20.21
N ASP A 131 19.51 6.84 21.18
CA ASP A 131 19.49 6.48 22.58
C ASP A 131 18.09 6.55 23.18
N TYR A 132 17.06 6.61 22.34
CA TYR A 132 15.68 6.69 22.80
C TYR A 132 14.88 5.55 22.20
N ASN A 133 13.79 5.18 22.90
CA ASN A 133 12.95 4.07 22.49
C ASN A 133 11.55 4.50 22.05
N LEU A 134 11.07 5.67 22.47
CA LEU A 134 9.75 6.15 22.13
C LEU A 134 9.85 7.59 21.67
N VAL A 135 9.46 7.86 20.42
CA VAL A 135 9.53 9.18 19.83
C VAL A 135 8.11 9.60 19.48
N MET A 136 7.67 10.72 20.04
CA MET A 136 6.34 11.25 19.78
C MET A 136 6.44 12.76 19.62
N HIS A 137 5.52 13.34 18.86
CA HIS A 137 5.42 14.78 18.76
C HIS A 137 4.78 15.32 20.03
N GLY A 138 5.43 16.29 20.66
CA GLY A 138 4.93 16.81 21.91
C GLY A 138 5.95 17.74 22.54
N TRP A 139 5.61 18.19 23.75
CA TRP A 139 6.40 19.17 24.47
C TRP A 139 6.59 18.69 25.90
N ASN A 140 7.82 18.79 26.40
CA ASN A 140 8.11 18.33 27.76
C ASN A 140 7.25 19.05 28.78
N GLU A 141 7.21 20.39 28.72
CA GLU A 141 6.52 21.16 29.75
C GLU A 141 5.03 20.86 29.76
N MET A 142 4.41 20.75 28.59
CA MET A 142 2.97 20.50 28.55
C MET A 142 2.65 19.12 29.12
N VAL A 143 3.53 18.14 28.90
CA VAL A 143 3.26 16.78 29.36
C VAL A 143 3.65 16.63 30.83
N TYR A 144 4.89 16.95 31.17
CA TYR A 144 5.39 16.67 32.52
C TYR A 144 4.95 17.74 33.52
N ASP A 145 4.96 19.01 33.12
CA ASP A 145 4.60 20.09 34.04
C ASP A 145 3.09 20.32 34.08
N GLN A 146 2.49 20.65 32.92
CA GLN A 146 1.09 21.02 32.87
C GLN A 146 0.16 19.80 32.86
N LYS A 147 0.68 18.62 32.53
CA LYS A 147 -0.15 17.41 32.41
C LYS A 147 -1.30 17.62 31.43
N ASN A 148 -0.99 18.26 30.30
CA ASN A 148 -1.99 18.59 29.30
C ASN A 148 -2.24 17.38 28.40
N TRP A 149 -3.51 16.98 28.27
CA TRP A 149 -3.84 15.79 27.52
C TRP A 149 -3.51 15.93 26.04
N ILE A 150 -3.12 17.11 25.57
CA ILE A 150 -2.67 17.31 24.21
C ILE A 150 -1.20 17.71 24.14
N GLY A 151 -0.46 17.47 25.22
CA GLY A 151 0.97 17.76 25.23
C GLY A 151 1.76 16.86 24.30
N LEU A 152 1.19 15.74 23.89
CA LEU A 152 1.80 14.85 22.92
C LEU A 152 0.70 14.25 22.05
N ASN A 153 1.11 13.60 20.96
CA ASN A 153 0.19 12.95 20.05
C ASN A 153 0.65 11.53 19.80
N THR A 154 -0.29 10.58 19.84
CA THR A 154 0.01 9.17 19.63
C THR A 154 -0.55 8.66 18.31
N GLY A 155 -0.77 9.55 17.34
CA GLY A 155 -1.18 9.17 16.01
C GLY A 155 -0.05 9.01 15.02
N SER A 156 1.19 9.28 15.44
CA SER A 156 2.35 9.11 14.56
C SER A 156 3.58 9.08 15.46
N PHE A 157 4.04 7.87 15.78
CA PHE A 157 5.15 7.73 16.72
C PHE A 157 6.00 6.52 16.37
N LEU A 158 7.26 6.60 16.77
CA LEU A 158 8.21 5.51 16.62
C LEU A 158 8.35 4.77 17.95
N LEU A 159 8.40 3.44 17.88
CA LEU A 159 8.61 2.60 19.05
C LEU A 159 9.67 1.58 18.73
N ARG A 160 10.78 1.61 19.47
CA ARG A 160 11.88 0.70 19.22
C ARG A 160 11.53 -0.70 19.70
N ASN A 161 11.93 -1.70 18.92
CA ASN A 161 11.71 -3.09 19.28
C ASN A 161 12.68 -3.46 20.41
N SER A 162 12.16 -3.50 21.64
CA SER A 162 13.02 -3.68 22.80
C SER A 162 12.19 -4.13 23.99
N GLN A 163 12.86 -4.74 24.96
CA GLN A 163 12.20 -5.10 26.21
C GLN A 163 11.56 -3.88 26.85
N TRP A 164 12.25 -2.74 26.79
CA TRP A 164 11.69 -1.48 27.28
C TRP A 164 10.31 -1.22 26.67
N SER A 165 10.19 -1.42 25.35
CA SER A 165 8.93 -1.11 24.66
C SER A 165 7.83 -2.09 25.05
N LEU A 166 8.17 -3.37 25.21
CA LEU A 166 7.20 -4.34 25.72
C LEU A 166 6.70 -3.92 27.09
N ASP A 167 7.59 -3.42 27.94
CA ASP A 167 7.19 -3.03 29.29
C ASP A 167 6.30 -1.80 29.26
N LEU A 168 6.67 -0.79 28.46
CA LEU A 168 5.79 0.36 28.27
C LEU A 168 4.39 -0.09 27.86
N LEU A 169 4.30 -1.01 26.90
CA LEU A 169 3.00 -1.48 26.45
C LEU A 169 2.22 -2.09 27.60
N ASP A 170 2.89 -2.85 28.46
CA ASP A 170 2.22 -3.39 29.64
C ASP A 170 1.68 -2.27 30.53
N ALA A 171 2.42 -1.16 30.63
CA ALA A 171 2.02 -0.06 31.48
C ALA A 171 0.98 0.85 30.84
N TRP A 172 0.85 0.80 29.51
CA TRP A 172 -0.02 1.69 28.76
C TRP A 172 -1.43 1.14 28.61
N ALA A 173 -1.56 -0.19 28.52
CA ALA A 173 -2.82 -0.87 28.22
C ALA A 173 -3.87 -0.81 29.34
N PRO A 174 -3.49 -0.73 30.62
CA PRO A 174 -4.49 -0.94 31.68
C PRO A 174 -5.75 -0.08 31.57
N MET A 175 -5.66 1.14 31.04
CA MET A 175 -6.84 1.99 30.90
C MET A 175 -7.65 1.67 29.64
N GLY A 176 -7.33 0.58 28.95
CA GLY A 176 -7.89 0.33 27.64
C GLY A 176 -9.17 -0.48 27.62
N PRO A 177 -9.20 -1.63 28.31
CA PRO A 177 -10.32 -2.58 28.14
C PRO A 177 -11.69 -1.91 28.09
N LYS A 178 -12.43 -2.15 27.01
CA LYS A 178 -13.72 -1.50 26.82
C LYS A 178 -14.67 -1.86 27.97
N GLY A 179 -15.54 -0.91 28.30
CA GLY A 179 -16.52 -1.11 29.35
C GLY A 179 -16.21 -0.32 30.61
N LYS A 180 -16.58 -0.88 31.77
CA LYS A 180 -16.41 -0.17 33.03
C LYS A 180 -14.97 0.26 33.25
N ILE A 181 -14.01 -0.46 32.68
CA ILE A 181 -12.60 -0.18 32.92
C ILE A 181 -12.21 1.11 32.20
N ARG A 182 -12.51 1.20 30.91
CA ARG A 182 -12.18 2.38 30.14
C ARG A 182 -12.98 3.59 30.63
N GLU A 183 -14.29 3.42 30.83
CA GLU A 183 -15.14 4.53 31.24
C GLU A 183 -14.72 5.09 32.59
N GLU A 184 -14.37 4.21 33.54
CA GLU A 184 -13.92 4.69 34.84
C GLU A 184 -12.54 5.32 34.74
N ALA A 185 -11.62 4.68 34.03
CA ALA A 185 -10.30 5.29 33.80
C ALA A 185 -10.45 6.64 33.12
N GLY A 186 -11.48 6.82 32.29
CA GLY A 186 -11.69 8.10 31.66
C GLY A 186 -11.98 9.21 32.66
N LYS A 187 -12.82 8.92 33.66
CA LYS A 187 -13.10 9.90 34.69
C LYS A 187 -11.83 10.24 35.48
N VAL A 188 -10.91 9.29 35.61
CA VAL A 188 -9.66 9.56 36.30
C VAL A 188 -8.78 10.48 35.46
N LEU A 189 -8.75 10.27 34.14
CA LEU A 189 -7.92 11.11 33.28
C LEU A 189 -8.46 12.53 33.22
N THR A 190 -9.77 12.68 33.02
CA THR A 190 -10.39 14.00 32.98
C THR A 190 -10.07 14.79 34.25
N ARG A 191 -9.92 14.11 35.38
CA ARG A 191 -9.73 14.78 36.65
C ARG A 191 -8.26 15.04 36.97
N GLU A 192 -7.33 14.36 36.31
CA GLU A 192 -5.92 14.51 36.59
C GLU A 192 -5.15 15.24 35.49
N LEU A 193 -5.73 15.40 34.30
CA LEU A 193 -5.08 16.09 33.20
C LEU A 193 -5.72 17.47 32.99
N LYS A 194 -4.94 18.35 32.38
CA LYS A 194 -5.37 19.72 32.12
C LYS A 194 -6.19 19.78 30.84
N ASP A 195 -7.37 20.38 30.93
CA ASP A 195 -8.21 20.70 29.78
C ASP A 195 -8.76 19.46 29.07
N ARG A 196 -8.81 18.30 29.74
CA ARG A 196 -9.38 17.13 29.08
C ARG A 196 -10.90 17.18 29.21
N PRO A 197 -11.65 17.00 28.11
CA PRO A 197 -13.11 16.87 28.25
C PRO A 197 -13.48 15.61 29.00
N ALA A 198 -14.74 15.21 28.92
CA ALA A 198 -15.23 14.02 29.64
C ALA A 198 -15.61 12.97 28.61
N PHE A 199 -14.82 11.90 28.55
CA PHE A 199 -15.11 10.79 27.65
C PHE A 199 -14.25 9.60 28.05
N GLU A 200 -14.57 8.44 27.47
CA GLU A 200 -13.87 7.20 27.79
C GLU A 200 -12.37 7.40 27.74
N ALA A 201 -11.65 6.58 28.51
CA ALA A 201 -10.19 6.62 28.49
C ALA A 201 -9.68 6.45 27.07
N ASP A 202 -8.66 7.22 26.71
CA ASP A 202 -8.05 7.17 25.40
C ASP A 202 -6.54 7.01 25.55
N ASP A 203 -5.93 6.40 24.54
CA ASP A 203 -4.52 6.05 24.64
C ASP A 203 -3.63 7.27 24.73
N GLN A 204 -3.99 8.37 24.06
CA GLN A 204 -3.18 9.58 24.13
C GLN A 204 -3.15 10.14 25.54
N SER A 205 -4.33 10.36 26.13
CA SER A 205 -4.39 10.84 27.51
C SER A 205 -3.73 9.85 28.46
N ALA A 206 -3.93 8.55 28.24
CA ALA A 206 -3.31 7.55 29.10
C ALA A 206 -1.79 7.60 29.01
N MET A 207 -1.24 7.94 27.84
CA MET A 207 0.20 8.08 27.71
C MET A 207 0.70 9.32 28.46
N VAL A 208 -0.06 10.41 28.39
CA VAL A 208 0.29 11.61 29.16
C VAL A 208 0.28 11.30 30.65
N TYR A 209 -0.82 10.69 31.13
CA TYR A 209 -0.95 10.39 32.54
C TYR A 209 0.17 9.46 33.01
N LEU A 210 0.63 8.55 32.15
CA LEU A 210 1.73 7.67 32.53
C LEU A 210 3.04 8.44 32.63
N LEU A 211 3.41 9.14 31.55
CA LEU A 211 4.71 9.82 31.52
C LEU A 211 4.82 10.91 32.57
N ALA A 212 3.70 11.56 32.91
CA ALA A 212 3.74 12.63 33.90
C ALA A 212 3.83 12.08 35.32
N THR A 213 3.18 10.95 35.58
CA THR A 213 3.15 10.37 36.92
C THR A 213 4.29 9.38 37.17
N GLU A 214 5.08 9.05 36.15
CA GLU A 214 6.16 8.07 36.30
C GLU A 214 7.33 8.46 35.41
N ARG A 215 7.75 9.73 35.51
CA ARG A 215 8.78 10.25 34.62
C ARG A 215 10.11 9.52 34.83
N GLU A 216 10.53 9.36 36.07
CA GLU A 216 11.83 8.74 36.35
C GLU A 216 11.96 7.38 35.67
N LYS A 217 10.89 6.60 35.67
CA LYS A 217 10.95 5.25 35.11
C LYS A 217 10.96 5.25 33.59
N TRP A 218 10.23 6.19 32.98
CA TRP A 218 9.99 6.16 31.54
C TRP A 218 10.62 7.31 30.78
N GLY A 219 10.80 8.48 31.41
CA GLY A 219 11.09 9.69 30.66
C GLY A 219 12.43 9.70 29.97
N GLY A 220 13.43 9.02 30.54
CA GLY A 220 14.78 9.06 29.97
C GLY A 220 14.88 8.46 28.58
N LYS A 221 13.93 7.59 28.21
CA LYS A 221 13.93 6.96 26.90
C LYS A 221 12.90 7.56 25.96
N VAL A 222 12.14 8.56 26.40
CA VAL A 222 11.12 9.21 25.57
C VAL A 222 11.73 10.48 24.98
N TYR A 223 11.59 10.62 23.67
CA TYR A 223 11.97 11.85 22.97
C TYR A 223 10.68 12.54 22.51
N LEU A 224 10.37 13.67 23.13
CA LEU A 224 9.22 14.48 22.74
C LEU A 224 9.69 15.48 21.70
N GLU A 225 9.35 15.22 20.45
CA GLU A 225 9.85 15.99 19.32
C GLU A 225 8.91 17.14 18.98
N SER A 226 9.50 18.31 18.68
CA SER A 226 8.73 19.47 18.24
C SER A 226 9.46 20.28 17.19
N GLY A 227 10.53 19.75 16.60
CA GLY A 227 11.27 20.47 15.58
C GLY A 227 10.70 20.30 14.19
N TYR A 228 9.86 19.27 14.01
CA TYR A 228 9.16 19.06 12.77
C TYR A 228 7.82 18.41 13.09
N TYR A 229 6.94 18.38 12.09
CA TYR A 229 5.58 17.88 12.29
C TYR A 229 5.52 16.38 12.03
N LEU A 230 6.18 15.63 12.90
CA LEU A 230 5.90 14.20 13.01
C LEU A 230 4.41 13.99 13.17
N HIS A 231 3.75 14.87 13.90
CA HIS A 231 2.30 15.03 13.88
C HIS A 231 2.01 16.50 13.69
N GLY A 232 1.09 16.81 12.77
CA GLY A 232 0.77 18.19 12.46
C GLY A 232 -0.71 18.45 12.43
N TYR A 233 -1.21 19.10 13.49
CA TYR A 233 -2.62 19.45 13.57
C TYR A 233 -3.08 20.16 12.29
N TRP A 234 -4.06 19.56 11.61
CA TRP A 234 -4.52 20.09 10.34
C TRP A 234 -5.04 21.53 10.48
N GLY A 235 -5.60 21.87 11.63
CA GLY A 235 -6.25 23.17 11.77
C GLY A 235 -5.34 24.34 11.49
N ILE A 236 -4.04 24.20 11.76
CA ILE A 236 -3.10 25.30 11.64
C ILE A 236 -2.20 25.16 10.42
N LEU A 237 -2.49 24.23 9.51
CA LEU A 237 -1.64 23.99 8.36
C LEU A 237 -2.37 24.09 7.03
N VAL A 238 -3.57 23.50 6.91
CA VAL A 238 -4.19 23.29 5.60
C VAL A 238 -4.47 24.61 4.90
N ASP A 239 -4.73 25.68 5.65
CA ASP A 239 -4.97 26.97 5.03
C ASP A 239 -3.70 27.64 4.53
N ARG A 240 -2.53 27.14 4.91
CA ARG A 240 -1.25 27.76 4.57
C ARG A 240 -0.55 27.07 3.41
N TYR A 241 -1.18 26.09 2.77
CA TYR A 241 -0.47 25.25 1.80
C TYR A 241 0.05 26.08 0.63
N GLU A 242 -0.80 26.92 0.03
CA GLU A 242 -0.35 27.70 -1.11
C GLU A 242 0.77 28.66 -0.73
N GLU A 243 0.73 29.20 0.49
CA GLU A 243 1.83 30.03 0.97
C GLU A 243 3.14 29.25 0.96
N MET A 244 3.11 28.01 1.46
CA MET A 244 4.31 27.18 1.49
C MET A 244 4.85 26.93 0.09
N ILE A 245 3.96 26.67 -0.87
CA ILE A 245 4.38 26.41 -2.25
C ILE A 245 5.09 27.63 -2.83
N GLU A 246 4.71 28.83 -2.40
CA GLU A 246 5.34 30.04 -2.92
C GLU A 246 6.67 30.31 -2.25
N ASN A 247 6.76 30.12 -0.93
CA ASN A 247 7.89 30.61 -0.15
C ASN A 247 8.92 29.54 0.16
N HIS A 248 8.55 28.26 0.15
CA HIS A 248 9.42 27.22 0.69
C HIS A 248 9.47 26.05 -0.30
N LYS A 249 9.94 24.90 0.19
CA LYS A 249 10.14 23.72 -0.64
C LYS A 249 10.06 22.49 0.25
N PRO A 250 9.68 21.34 -0.31
CA PRO A 250 9.65 20.13 0.52
C PRO A 250 11.03 19.79 1.06
N GLY A 251 11.06 19.28 2.28
CA GLY A 251 12.30 18.87 2.92
C GLY A 251 12.50 19.46 4.30
N PHE A 252 11.72 20.50 4.62
CA PHE A 252 11.82 21.09 5.95
C PHE A 252 11.08 20.28 6.99
N GLY A 253 9.89 19.76 6.65
CA GLY A 253 9.12 18.95 7.56
C GLY A 253 8.45 19.70 8.70
N ASP A 254 8.70 21.00 8.83
CA ASP A 254 8.16 21.78 9.95
C ASP A 254 7.12 22.79 9.47
N HIS A 255 7.08 23.96 10.11
CA HIS A 255 6.09 24.99 9.77
C HIS A 255 6.19 25.44 8.32
N ARG A 256 7.35 25.26 7.69
CA ARG A 256 7.51 25.65 6.29
C ARG A 256 7.00 24.59 5.32
N TRP A 257 6.87 23.34 5.76
CA TRP A 257 6.43 22.25 4.90
C TRP A 257 6.23 21.01 5.77
N PRO A 258 5.05 20.83 6.35
CA PRO A 258 4.90 19.82 7.42
C PRO A 258 5.02 18.40 6.90
N LEU A 259 5.71 17.56 7.67
CA LEU A 259 5.82 16.15 7.29
C LEU A 259 4.46 15.49 7.29
N VAL A 260 3.69 15.66 8.37
CA VAL A 260 2.41 14.99 8.56
C VAL A 260 1.34 16.04 8.81
N THR A 261 0.23 15.93 8.08
CA THR A 261 -0.99 16.66 8.39
C THR A 261 -1.99 15.64 8.94
N HIS A 262 -2.37 15.82 10.20
CA HIS A 262 -3.18 14.84 10.92
C HIS A 262 -4.54 15.48 11.22
N PHE A 263 -5.61 14.85 10.73
CA PHE A 263 -6.94 15.45 10.74
C PHE A 263 -7.72 15.06 12.00
N VAL A 264 -7.12 15.34 13.15
CA VAL A 264 -7.74 14.99 14.42
C VAL A 264 -9.05 15.75 14.57
N GLY A 265 -10.09 15.05 15.02
CA GLY A 265 -11.38 15.64 15.22
C GLY A 265 -12.33 15.52 14.05
N CYS A 266 -11.88 15.03 12.91
CA CYS A 266 -12.69 15.03 11.70
C CYS A 266 -13.61 13.82 11.59
N LYS A 267 -13.10 12.62 11.86
CA LYS A 267 -13.88 11.40 11.74
C LYS A 267 -14.53 11.31 10.36
N PRO A 268 -13.73 11.31 9.29
CA PRO A 268 -14.34 11.16 7.95
C PRO A 268 -15.05 9.84 7.77
N CYS A 269 -14.64 8.81 8.51
CA CYS A 269 -15.21 7.48 8.38
C CYS A 269 -16.34 7.25 9.37
N GLY A 270 -16.04 7.38 10.66
CA GLY A 270 -17.06 7.32 11.69
C GLY A 270 -18.02 8.47 11.57
N LYS A 271 -18.47 9.01 12.70
CA LYS A 271 -19.36 10.16 12.71
C LYS A 271 -19.14 10.93 14.00
N PHE A 272 -19.89 12.03 14.14
CA PHE A 272 -19.82 12.88 15.32
C PHE A 272 -18.40 13.41 15.54
N GLY A 273 -17.84 14.00 14.49
CA GLY A 273 -16.57 14.66 14.60
C GLY A 273 -16.68 16.01 15.29
N ASP A 274 -15.53 16.55 15.68
CA ASP A 274 -15.48 17.86 16.29
C ASP A 274 -15.66 18.98 15.28
N TYR A 275 -15.72 18.67 14.00
CA TYR A 275 -15.76 19.69 12.95
C TYR A 275 -16.75 19.27 11.87
N PRO A 276 -17.21 20.20 11.04
CA PRO A 276 -18.11 19.84 9.95
C PRO A 276 -17.43 18.91 8.95
N VAL A 277 -18.16 17.87 8.54
CA VAL A 277 -17.59 16.89 7.63
C VAL A 277 -17.14 17.55 6.34
N GLU A 278 -17.94 18.49 5.81
CA GLU A 278 -17.62 19.11 4.53
C GLU A 278 -16.27 19.82 4.58
N ARG A 279 -16.08 20.68 5.60
CA ARG A 279 -14.79 21.34 5.77
C ARG A 279 -13.66 20.32 5.86
N CYS A 280 -13.88 19.25 6.64
CA CYS A 280 -12.85 18.23 6.83
C CYS A 280 -12.45 17.58 5.50
N LEU A 281 -13.44 17.12 4.73
CA LEU A 281 -13.12 16.35 3.54
C LEU A 281 -12.44 17.21 2.48
N ARG A 282 -12.88 18.46 2.32
CA ARG A 282 -12.26 19.32 1.32
C ARG A 282 -10.80 19.62 1.67
N GLN A 283 -10.51 19.83 2.96
CA GLN A 283 -9.13 20.06 3.35
C GLN A 283 -8.29 18.78 3.22
N MET A 284 -8.90 17.62 3.45
CA MET A 284 -8.19 16.36 3.21
C MET A 284 -7.87 16.20 1.73
N ASP A 285 -8.79 16.62 0.85
CA ASP A 285 -8.48 16.68 -0.57
C ASP A 285 -7.27 17.55 -0.83
N ARG A 286 -7.23 18.73 -0.22
CA ARG A 286 -6.10 19.63 -0.41
C ARG A 286 -4.81 19.04 0.14
N ALA A 287 -4.85 18.46 1.34
CA ALA A 287 -3.68 17.80 1.89
C ALA A 287 -3.18 16.70 0.95
N PHE A 288 -4.10 15.82 0.50
CA PHE A 288 -3.70 14.75 -0.40
C PHE A 288 -3.02 15.30 -1.65
N ASN A 289 -3.63 16.29 -2.30
CA ASN A 289 -3.04 16.87 -3.50
C ASN A 289 -1.73 17.57 -3.18
N PHE A 290 -1.63 18.19 -2.01
CA PHE A 290 -0.38 18.82 -1.60
C PHE A 290 0.75 17.82 -1.58
N GLY A 291 0.52 16.65 -0.99
CA GLY A 291 1.51 15.58 -1.01
C GLY A 291 1.66 14.98 -2.40
N ASP A 292 0.53 14.68 -3.06
CA ASP A 292 0.57 14.00 -4.34
C ASP A 292 1.29 14.82 -5.40
N ASN A 293 1.24 16.15 -5.30
CA ASN A 293 1.99 16.99 -6.23
C ASN A 293 3.46 16.61 -6.25
N GLN A 294 4.04 16.34 -5.07
CA GLN A 294 5.44 15.98 -5.00
C GLN A 294 5.72 14.64 -5.70
N ILE A 295 4.73 13.74 -5.70
CA ILE A 295 4.88 12.47 -6.41
C ILE A 295 4.71 12.68 -7.90
N LEU A 296 3.66 13.39 -8.31
CA LEU A 296 3.37 13.58 -9.72
C LEU A 296 4.47 14.35 -10.42
N GLN A 297 5.20 15.20 -9.69
CA GLN A 297 6.18 16.06 -10.34
C GLN A 297 7.43 15.31 -10.75
N MET A 298 7.73 14.16 -10.13
CA MET A 298 8.80 13.32 -10.64
C MET A 298 8.53 12.86 -12.06
N TYR A 299 7.25 12.76 -12.43
CA TYR A 299 6.84 12.22 -13.72
C TYR A 299 6.30 13.28 -14.66
N GLY A 300 6.48 14.56 -14.33
CA GLY A 300 6.10 15.63 -15.24
C GLY A 300 4.66 16.05 -15.17
N PHE A 301 4.03 15.94 -13.99
CA PHE A 301 2.63 16.29 -13.84
C PHE A 301 2.42 16.98 -12.50
N THR A 302 1.28 17.66 -12.39
CA THR A 302 0.88 18.30 -11.14
C THR A 302 -0.63 18.52 -11.19
N HIS A 303 -1.21 18.66 -10.01
CA HIS A 303 -2.64 18.99 -9.92
C HIS A 303 -2.87 20.43 -10.33
N LYS A 304 -3.89 20.65 -11.16
CA LYS A 304 -4.21 22.01 -11.58
C LYS A 304 -4.33 22.95 -10.40
N SER A 305 -4.80 22.43 -9.25
CA SER A 305 -4.79 23.16 -8.00
C SER A 305 -4.96 22.15 -6.88
N LEU A 306 -4.74 22.61 -5.65
CA LEU A 306 -4.91 21.72 -4.51
C LEU A 306 -6.35 21.25 -4.34
N GLY A 307 -7.31 21.87 -5.04
CA GLY A 307 -8.69 21.46 -4.99
C GLY A 307 -9.20 20.74 -6.22
N SER A 308 -8.33 20.40 -7.17
CA SER A 308 -8.73 19.75 -8.41
C SER A 308 -8.13 18.36 -8.52
N ARG A 309 -8.96 17.39 -8.93
CA ARG A 309 -8.46 16.05 -9.20
C ARG A 309 -7.72 15.98 -10.52
N ARG A 310 -8.03 16.87 -11.45
CA ARG A 310 -7.33 16.90 -12.74
C ARG A 310 -5.86 17.22 -12.53
N VAL A 311 -5.02 16.63 -13.38
CA VAL A 311 -3.61 16.91 -13.39
C VAL A 311 -3.26 17.52 -14.75
N LYS A 312 -2.18 18.29 -14.76
CA LYS A 312 -1.68 18.91 -15.97
C LYS A 312 -0.19 18.62 -16.09
N PRO A 313 0.35 18.63 -17.31
CA PRO A 313 1.79 18.44 -17.45
C PRO A 313 2.58 19.65 -16.96
N THR A 314 3.74 19.38 -16.39
CA THR A 314 4.68 20.42 -15.99
C THR A 314 5.77 20.66 -17.02
N ARG A 315 5.84 19.83 -18.06
CA ARG A 315 6.87 19.94 -19.09
C ARG A 315 6.45 19.06 -20.26
N ASN A 316 6.88 19.47 -21.45
CA ASN A 316 6.55 18.71 -22.66
C ASN A 316 7.27 17.38 -22.66
N GLN A 317 6.67 16.39 -23.33
CA GLN A 317 7.28 15.08 -23.44
C GLN A 317 8.60 15.17 -24.18
N THR A 318 9.46 14.17 -23.98
CA THR A 318 10.79 14.16 -24.53
C THR A 318 11.19 12.75 -24.91
N ASP A 319 12.00 12.64 -25.96
CA ASP A 319 12.58 11.38 -26.38
C ASP A 319 13.94 11.12 -25.74
N ARG A 320 14.31 11.91 -24.73
CA ARG A 320 15.56 11.73 -23.99
C ARG A 320 15.23 11.83 -22.50
N PRO A 321 14.47 10.86 -21.97
CA PRO A 321 13.89 11.04 -20.62
C PRO A 321 14.88 10.89 -19.48
N LEU A 322 16.11 10.47 -19.74
CA LEU A 322 17.08 10.22 -18.69
C LEU A 322 18.09 11.36 -18.53
N ASP A 323 17.85 12.50 -19.17
CA ASP A 323 18.76 13.63 -19.07
C ASP A 323 18.42 14.56 -17.92
N ALA A 324 17.12 14.81 -17.71
CA ALA A 324 16.65 15.70 -16.65
C ALA A 324 16.23 14.88 -15.45
N LYS A 325 17.02 14.91 -14.39
CA LYS A 325 16.60 14.34 -13.13
C LYS A 325 15.56 15.24 -12.46
N ASP A 326 14.80 14.68 -11.53
CA ASP A 326 13.72 15.42 -10.91
C ASP A 326 14.27 16.45 -9.93
N GLU A 327 13.43 17.46 -9.65
CA GLU A 327 13.88 18.61 -8.88
C GLU A 327 14.37 18.26 -7.48
N PHE A 328 13.96 17.11 -6.93
CA PHE A 328 14.33 16.73 -5.58
C PHE A 328 14.91 15.33 -5.50
N GLY A 329 15.29 14.75 -6.63
CA GLY A 329 15.95 13.46 -6.66
C GLY A 329 15.21 12.37 -5.90
N LEU A 330 13.90 12.27 -6.13
CA LEU A 330 13.09 11.25 -5.47
C LEU A 330 12.83 10.03 -6.34
N LEU A 331 13.12 10.10 -7.64
CA LEU A 331 13.06 8.90 -8.47
C LEU A 331 14.07 7.86 -8.01
N HIS A 332 15.27 8.32 -7.63
CA HIS A 332 16.38 7.44 -7.27
C HIS A 332 17.08 8.03 -6.05
N PRO A 333 16.41 8.05 -4.91
CA PRO A 333 16.97 8.68 -3.72
C PRO A 333 17.94 7.75 -3.01
N PRO A 334 18.76 8.28 -2.08
CA PRO A 334 19.69 7.41 -1.36
C PRO A 334 19.01 6.37 -0.48
N PHE A 335 17.74 6.57 -0.11
CA PHE A 335 17.05 5.62 0.74
C PHE A 335 16.83 4.28 0.06
N LYS A 336 17.07 4.19 -1.25
CA LYS A 336 16.88 2.95 -2.01
C LYS A 336 18.17 2.49 -2.68
N ALA A 337 19.32 3.04 -2.32
CA ALA A 337 20.58 2.64 -2.93
C ALA A 337 20.95 1.22 -2.53
N PRO B 1 -3.76 12.30 -35.24
CA PRO B 1 -3.28 10.93 -34.97
C PRO B 1 -2.69 10.80 -33.56
N TYR B 2 -3.28 9.93 -32.75
CA TYR B 2 -2.87 9.81 -31.36
C TYR B 2 -1.50 9.16 -31.25
N SER B 3 -0.70 9.67 -30.31
CA SER B 3 0.61 9.10 -30.00
C SER B 3 0.80 9.09 -28.48
N LEU B 4 1.44 8.03 -27.99
CA LEU B 4 1.77 7.96 -26.57
C LEU B 4 2.90 8.92 -26.19
N GLY B 5 3.59 9.49 -27.17
CA GLY B 5 4.67 10.40 -26.89
C GLY B 5 5.75 10.35 -27.96
N PRO B 6 6.72 11.25 -27.88
CA PRO B 6 7.80 11.30 -28.88
C PRO B 6 8.42 9.93 -29.10
N LYS B 7 8.49 9.52 -30.36
CA LYS B 7 9.07 8.23 -30.72
C LYS B 7 10.48 8.10 -30.14
N ILE B 8 10.71 6.99 -29.46
CA ILE B 8 12.03 6.63 -28.95
C ILE B 8 12.46 5.34 -29.63
N SER B 9 13.75 5.24 -29.95
CA SER B 9 14.27 4.10 -30.70
C SER B 9 15.52 3.48 -30.11
N ASP B 10 16.29 4.21 -29.30
CA ASP B 10 17.51 3.69 -28.69
C ASP B 10 17.32 3.39 -27.21
N TRP B 11 16.12 2.96 -26.81
CA TRP B 11 15.84 2.83 -25.39
C TRP B 11 16.72 1.76 -24.74
N ASP B 12 16.95 0.64 -25.43
CA ASP B 12 17.85 -0.37 -24.90
C ASP B 12 19.22 0.23 -24.63
N GLU B 13 19.67 1.14 -25.49
CA GLU B 13 20.97 1.77 -25.30
C GLU B 13 20.93 2.76 -24.15
N GLN B 14 19.88 3.60 -24.10
CA GLN B 14 19.74 4.54 -23.00
C GLN B 14 19.70 3.80 -21.66
N ARG B 15 18.95 2.70 -21.58
CA ARG B 15 18.91 1.92 -20.35
C ARG B 15 20.29 1.35 -20.02
N ARG B 16 20.96 0.77 -21.01
CA ARG B 16 22.27 0.17 -20.78
C ARG B 16 23.23 1.19 -20.19
N ASP B 17 23.30 2.38 -20.80
CA ASP B 17 24.17 3.44 -20.28
C ASP B 17 23.78 3.80 -18.84
N TRP B 18 22.50 4.08 -18.62
CA TRP B 18 22.04 4.53 -17.31
C TRP B 18 22.45 3.52 -16.22
N LEU B 19 22.18 2.24 -16.46
CA LEU B 19 22.50 1.23 -15.45
C LEU B 19 23.99 1.18 -15.18
N LYS B 20 24.82 1.26 -16.23
CA LYS B 20 26.26 1.37 -16.05
C LYS B 20 26.59 2.61 -15.21
N GLN B 21 25.95 3.74 -15.49
CA GLN B 21 26.25 4.97 -14.79
C GLN B 21 25.75 4.94 -13.35
N ASN B 22 24.71 4.16 -13.07
CA ASN B 22 24.03 4.18 -11.77
C ASN B 22 23.97 2.77 -11.20
N PRO B 23 25.14 2.22 -10.82
CA PRO B 23 25.15 0.84 -10.29
C PRO B 23 24.45 0.70 -8.95
N SER B 24 24.11 1.80 -8.27
CA SER B 24 23.36 1.73 -7.03
C SER B 24 21.93 1.28 -7.23
N PHE B 25 21.45 1.26 -8.48
CA PHE B 25 20.07 0.85 -8.81
C PHE B 25 20.13 -0.19 -9.91
N PRO B 26 20.56 -1.41 -9.59
CA PRO B 26 20.62 -2.47 -10.60
C PRO B 26 19.23 -2.96 -10.97
N ASN B 27 19.10 -3.44 -12.21
CA ASN B 27 17.84 -3.97 -12.70
C ASN B 27 17.56 -5.38 -12.19
N PHE B 28 18.51 -6.01 -11.50
CA PHE B 28 18.30 -7.31 -10.87
C PHE B 28 18.72 -7.19 -9.42
N VAL B 29 17.77 -7.39 -8.51
CA VAL B 29 18.05 -7.29 -7.07
C VAL B 29 18.68 -8.54 -6.50
N ALA B 30 18.95 -9.54 -7.32
CA ALA B 30 19.47 -10.82 -6.87
C ALA B 30 19.76 -11.67 -8.11
N PRO B 31 20.57 -12.73 -7.96
CA PRO B 31 21.01 -13.50 -9.14
C PRO B 31 19.92 -13.72 -10.19
N ASN B 32 18.76 -14.24 -9.77
CA ASN B 32 17.70 -14.61 -10.69
C ASN B 32 16.40 -13.89 -10.38
N LYS B 33 16.49 -12.70 -9.77
CA LYS B 33 15.31 -11.95 -9.33
C LYS B 33 15.35 -10.55 -9.92
N PRO B 34 14.59 -10.28 -10.98
CA PRO B 34 14.57 -8.93 -11.54
C PRO B 34 13.86 -7.95 -10.62
N ARG B 35 14.22 -6.68 -10.74
CA ARG B 35 13.51 -5.64 -10.01
C ARG B 35 12.13 -5.46 -10.63
N VAL B 36 11.10 -5.55 -9.80
CA VAL B 36 9.72 -5.57 -10.26
C VAL B 36 8.95 -4.46 -9.56
N LEU B 37 8.13 -3.74 -10.33
CA LEU B 37 7.20 -2.75 -9.79
C LEU B 37 5.79 -3.19 -10.14
N LEU B 38 4.99 -3.50 -9.12
CA LEU B 38 3.59 -3.78 -9.33
C LEU B 38 2.83 -2.46 -9.41
N VAL B 39 2.05 -2.30 -10.48
CA VAL B 39 1.30 -1.08 -10.74
C VAL B 39 -0.18 -1.39 -10.76
N THR B 40 -0.96 -0.58 -10.06
CA THR B 40 -2.41 -0.71 -10.03
C THR B 40 -2.98 0.70 -9.92
N GLY B 41 -4.30 0.80 -9.80
CA GLY B 41 -4.91 2.10 -9.65
C GLY B 41 -6.42 2.03 -9.76
N SER B 42 -7.02 3.22 -9.63
CA SER B 42 -8.47 3.39 -9.69
C SER B 42 -8.75 4.83 -10.08
N ALA B 43 -10.01 5.10 -10.40
CA ALA B 43 -10.41 6.45 -10.77
C ALA B 43 -10.24 7.40 -9.59
N PRO B 44 -9.96 8.68 -9.85
CA PRO B 44 -9.71 9.63 -8.74
C PRO B 44 -10.96 10.20 -8.10
N LYS B 45 -12.10 9.56 -8.26
CA LYS B 45 -13.33 10.01 -7.63
C LYS B 45 -13.94 8.87 -6.85
N PRO B 46 -14.79 9.17 -5.86
CA PRO B 46 -15.42 8.10 -5.09
C PRO B 46 -16.26 7.20 -5.98
N CYS B 47 -16.39 5.94 -5.58
CA CYS B 47 -17.19 5.00 -6.34
C CYS B 47 -18.65 5.41 -6.32
N GLU B 48 -19.36 5.08 -7.41
CA GLU B 48 -20.76 5.46 -7.53
C GLU B 48 -21.59 4.77 -6.45
N ASN B 49 -21.43 3.46 -6.30
CA ASN B 49 -21.93 2.86 -5.07
C ASN B 49 -20.86 2.97 -3.99
N PRO B 50 -21.23 3.22 -2.73
CA PRO B 50 -20.22 3.68 -1.76
C PRO B 50 -19.30 2.59 -1.24
N VAL B 51 -19.81 1.37 -1.07
CA VAL B 51 -18.97 0.26 -0.65
C VAL B 51 -17.90 -0.05 -1.68
N GLY B 52 -18.00 0.48 -2.89
CA GLY B 52 -16.96 0.29 -3.89
C GLY B 52 -15.59 0.66 -3.36
N ASP B 53 -15.49 1.82 -2.70
CA ASP B 53 -14.21 2.27 -2.19
C ASP B 53 -13.68 1.35 -1.09
N HIS B 54 -14.58 0.79 -0.27
CA HIS B 54 -14.15 -0.14 0.77
C HIS B 54 -13.46 -1.36 0.16
N TYR B 55 -13.98 -1.85 -0.96
CA TYR B 55 -13.40 -3.02 -1.63
C TYR B 55 -12.14 -2.66 -2.41
N LEU B 56 -12.00 -1.41 -2.85
CA LEU B 56 -10.71 -0.96 -3.35
C LEU B 56 -9.67 -0.92 -2.23
N LEU B 57 -10.11 -0.57 -1.02
CA LEU B 57 -9.20 -0.52 0.12
C LEU B 57 -8.71 -1.92 0.48
N LYS B 58 -9.63 -2.88 0.61
CA LYS B 58 -9.22 -4.26 0.85
C LYS B 58 -8.35 -4.78 -0.28
N SER B 59 -8.62 -4.33 -1.51
CA SER B 59 -7.84 -4.80 -2.65
C SER B 59 -6.39 -4.34 -2.53
N ILE B 60 -6.16 -3.10 -2.11
CA ILE B 60 -4.80 -2.60 -2.04
C ILE B 60 -4.08 -3.12 -0.79
N LYS B 61 -4.80 -3.34 0.32
CA LYS B 61 -4.20 -4.05 1.44
C LYS B 61 -3.68 -5.41 0.98
N ASN B 62 -4.52 -6.14 0.23
CA ASN B 62 -4.13 -7.47 -0.22
C ASN B 62 -2.85 -7.42 -1.05
N LYS B 63 -2.73 -6.46 -1.94
CA LYS B 63 -1.51 -6.33 -2.73
C LYS B 63 -0.34 -5.85 -1.88
N ILE B 64 -0.60 -5.01 -0.88
CA ILE B 64 0.46 -4.60 0.05
C ILE B 64 1.08 -5.81 0.72
N ASP B 65 0.23 -6.71 1.23
CA ASP B 65 0.74 -7.89 1.94
C ASP B 65 1.60 -8.76 1.03
N TYR B 66 1.07 -9.12 -0.14
CA TYR B 66 1.84 -9.96 -1.06
C TYR B 66 3.17 -9.29 -1.41
N CYS B 67 3.13 -7.98 -1.71
CA CYS B 67 4.33 -7.31 -2.19
C CYS B 67 5.36 -7.12 -1.08
N ARG B 68 4.90 -6.96 0.16
CA ARG B 68 5.83 -6.90 1.28
C ARG B 68 6.55 -8.23 1.46
N ILE B 69 5.84 -9.34 1.27
CA ILE B 69 6.42 -10.65 1.46
C ILE B 69 7.39 -10.98 0.34
N HIS B 70 7.02 -10.70 -0.90
CA HIS B 70 7.82 -11.07 -2.06
C HIS B 70 8.73 -9.94 -2.53
N GLY B 71 8.86 -8.86 -1.76
CA GLY B 71 9.83 -7.82 -2.03
C GLY B 71 9.67 -7.17 -3.39
N ILE B 72 8.48 -6.62 -3.65
CA ILE B 72 8.23 -5.84 -4.86
C ILE B 72 7.53 -4.56 -4.44
N GLU B 73 7.82 -3.46 -5.12
CA GLU B 73 7.27 -2.18 -4.75
C GLU B 73 5.98 -1.91 -5.49
N ILE B 74 5.14 -1.06 -4.91
CA ILE B 74 3.80 -0.77 -5.41
C ILE B 74 3.72 0.68 -5.84
N PHE B 75 3.05 0.91 -6.98
CA PHE B 75 2.63 2.24 -7.38
C PHE B 75 1.12 2.20 -7.59
N TYR B 76 0.40 3.08 -6.90
CA TYR B 76 -1.05 3.18 -7.00
C TYR B 76 -1.40 4.49 -7.70
N ASN B 77 -1.83 4.39 -8.95
CA ASN B 77 -2.16 5.58 -9.74
C ASN B 77 -3.59 6.02 -9.49
N MET B 78 -3.79 7.32 -9.33
CA MET B 78 -5.10 7.95 -9.15
C MET B 78 -5.21 9.18 -10.03
N ALA B 79 -4.67 9.14 -11.23
CA ALA B 79 -4.70 10.30 -12.11
C ALA B 79 -4.76 9.85 -13.55
N LEU B 80 -5.48 10.62 -14.36
CA LEU B 80 -5.59 10.38 -15.80
C LEU B 80 -4.59 11.29 -16.50
N LEU B 81 -3.54 10.70 -17.07
CA LEU B 81 -2.49 11.45 -17.74
C LEU B 81 -2.83 11.75 -19.20
N ASP B 82 -3.88 11.15 -19.75
CA ASP B 82 -4.22 11.29 -21.16
C ASP B 82 -5.73 11.20 -21.27
N ALA B 83 -6.37 12.33 -21.57
CA ALA B 83 -7.83 12.40 -21.55
C ALA B 83 -8.46 11.41 -22.52
N GLU B 84 -7.76 11.05 -23.60
CA GLU B 84 -8.33 10.16 -24.60
C GLU B 84 -8.21 8.69 -24.24
N MET B 85 -7.31 8.33 -23.32
CA MET B 85 -7.12 6.95 -22.90
C MET B 85 -7.72 6.76 -21.51
N ALA B 86 -9.05 6.80 -21.46
CA ALA B 86 -9.77 6.67 -20.20
C ALA B 86 -10.19 5.23 -19.96
N GLY B 87 -10.48 4.92 -18.71
CA GLY B 87 -10.91 3.58 -18.35
C GLY B 87 -9.76 2.59 -18.41
N PHE B 88 -10.07 1.36 -18.85
CA PHE B 88 -9.04 0.34 -18.96
C PHE B 88 -7.90 0.75 -19.89
N TRP B 89 -8.12 1.72 -20.77
CA TRP B 89 -7.04 2.18 -21.64
C TRP B 89 -6.07 3.12 -20.93
N ALA B 90 -6.40 3.58 -19.72
CA ALA B 90 -5.55 4.52 -19.01
C ALA B 90 -4.22 3.91 -18.59
N LYS B 91 -4.11 2.58 -18.57
CA LYS B 91 -2.88 1.96 -18.08
C LYS B 91 -1.75 1.98 -19.11
N LEU B 92 -2.03 2.34 -20.37
CA LEU B 92 -0.97 2.38 -21.37
C LEU B 92 -0.12 3.64 -21.20
N PRO B 93 -0.73 4.84 -21.13
CA PRO B 93 0.10 6.03 -20.81
C PRO B 93 0.84 5.89 -19.50
N LEU B 94 0.19 5.33 -18.48
CA LEU B 94 0.82 5.15 -17.18
C LEU B 94 2.05 4.25 -17.28
N ILE B 95 1.89 3.09 -17.92
CA ILE B 95 3.00 2.13 -18.00
C ILE B 95 4.19 2.75 -18.72
N ARG B 96 3.94 3.44 -19.84
CA ARG B 96 5.03 4.06 -20.58
C ARG B 96 5.77 5.06 -19.70
N LYS B 97 5.04 5.87 -18.94
CA LYS B 97 5.67 6.88 -18.09
C LYS B 97 6.55 6.22 -17.02
N LEU B 98 6.06 5.14 -16.41
CA LEU B 98 6.82 4.50 -15.34
C LEU B 98 8.04 3.77 -15.89
N LEU B 99 7.90 3.11 -17.05
CA LEU B 99 9.05 2.46 -17.65
C LEU B 99 10.16 3.46 -17.93
N LEU B 100 9.82 4.60 -18.53
CA LEU B 100 10.83 5.59 -18.88
C LEU B 100 11.36 6.32 -17.65
N SER B 101 10.51 6.54 -16.65
CA SER B 101 10.94 7.24 -15.44
C SER B 101 11.84 6.37 -14.57
N HIS B 102 11.64 5.04 -14.63
CA HIS B 102 12.38 4.10 -13.79
C HIS B 102 13.11 3.11 -14.69
N PRO B 103 14.29 3.47 -15.18
CA PRO B 103 15.08 2.49 -15.96
C PRO B 103 15.64 1.37 -15.10
N GLU B 104 15.71 1.54 -13.78
CA GLU B 104 16.13 0.45 -12.91
C GLU B 104 15.13 -0.70 -12.91
N ILE B 105 13.89 -0.44 -13.32
CA ILE B 105 12.85 -1.46 -13.32
C ILE B 105 13.06 -2.39 -14.51
N GLU B 106 13.15 -3.69 -14.22
CA GLU B 106 13.27 -4.68 -15.28
C GLU B 106 11.91 -5.19 -15.73
N PHE B 107 10.99 -5.43 -14.80
CA PHE B 107 9.64 -5.86 -15.11
C PHE B 107 8.63 -4.94 -14.46
N LEU B 108 7.59 -4.60 -15.21
CA LEU B 108 6.44 -3.86 -14.69
C LEU B 108 5.26 -4.81 -14.66
N TRP B 109 4.70 -5.01 -13.47
CA TRP B 109 3.60 -5.95 -13.26
C TRP B 109 2.32 -5.15 -13.05
N TRP B 110 1.54 -4.99 -14.12
CA TRP B 110 0.24 -4.36 -13.99
C TRP B 110 -0.76 -5.33 -13.37
N MET B 111 -1.56 -4.82 -12.43
CA MET B 111 -2.59 -5.63 -11.80
C MET B 111 -3.82 -4.76 -11.59
N ASP B 112 -4.96 -5.20 -12.14
CA ASP B 112 -6.23 -4.51 -11.96
C ASP B 112 -6.58 -4.34 -10.49
N SER B 113 -7.47 -3.38 -10.20
CA SER B 113 -7.98 -3.23 -8.84
C SER B 113 -9.01 -4.29 -8.49
N ASP B 114 -9.63 -4.93 -9.49
CA ASP B 114 -10.55 -6.03 -9.23
C ASP B 114 -9.83 -7.37 -9.14
N ALA B 115 -8.50 -7.39 -9.23
CA ALA B 115 -7.70 -8.60 -9.06
C ALA B 115 -7.07 -8.61 -7.67
N MET B 116 -6.98 -9.81 -7.09
CA MET B 116 -6.57 -9.97 -5.71
C MET B 116 -5.66 -11.19 -5.61
N PHE B 117 -4.64 -11.09 -4.77
CA PHE B 117 -3.71 -12.20 -4.55
C PHE B 117 -4.34 -13.20 -3.58
N THR B 118 -4.48 -14.44 -4.02
CA THR B 118 -5.02 -15.51 -3.19
C THR B 118 -4.00 -16.61 -2.87
N ASP B 119 -2.80 -16.54 -3.43
CA ASP B 119 -1.70 -17.41 -3.04
C ASP B 119 -0.54 -16.50 -2.61
N MET B 120 -0.34 -16.37 -1.31
CA MET B 120 0.70 -15.50 -0.78
C MET B 120 2.08 -16.15 -0.80
N VAL B 121 2.17 -17.46 -1.01
CA VAL B 121 3.46 -18.16 -1.02
C VAL B 121 4.07 -18.16 -2.42
N PHE B 122 3.24 -18.33 -3.44
CA PHE B 122 3.73 -18.53 -4.80
C PHE B 122 4.56 -17.34 -5.27
N GLU B 123 5.75 -17.63 -5.80
CA GLU B 123 6.63 -16.64 -6.40
C GLU B 123 6.67 -16.88 -7.90
N LEU B 124 6.54 -15.80 -8.68
CA LEU B 124 6.56 -15.93 -10.12
C LEU B 124 7.82 -16.65 -10.58
N PRO B 125 7.75 -17.51 -11.61
CA PRO B 125 8.95 -18.19 -12.11
C PRO B 125 9.74 -17.33 -13.09
N TRP B 126 10.53 -16.41 -12.53
CA TRP B 126 11.15 -15.36 -13.34
C TRP B 126 12.05 -15.93 -14.42
N GLU B 127 12.80 -17.00 -14.10
CA GLU B 127 13.71 -17.56 -15.10
C GLU B 127 12.97 -18.08 -16.33
N ARG B 128 11.75 -18.57 -16.13
CA ARG B 128 10.95 -19.05 -17.26
C ARG B 128 10.73 -17.96 -18.30
N TYR B 129 10.80 -16.69 -17.88
CA TYR B 129 10.50 -15.55 -18.75
C TYR B 129 11.76 -14.80 -19.18
N LYS B 130 12.95 -15.33 -18.91
CA LYS B 130 14.18 -14.57 -19.13
C LYS B 130 14.37 -14.21 -20.60
N ASP B 131 13.70 -14.89 -21.53
CA ASP B 131 13.83 -14.62 -22.95
C ASP B 131 12.60 -13.95 -23.54
N TYR B 132 11.65 -13.54 -22.70
CA TYR B 132 10.40 -12.95 -23.15
C TYR B 132 10.24 -11.55 -22.58
N ASN B 133 9.35 -10.77 -23.21
CA ASN B 133 9.15 -9.38 -22.84
C ASN B 133 7.72 -9.07 -22.41
N LEU B 134 6.76 -9.96 -22.65
CA LEU B 134 5.37 -9.76 -22.24
C LEU B 134 4.81 -11.10 -21.80
N VAL B 135 4.33 -11.16 -20.56
CA VAL B 135 3.76 -12.39 -20.01
C VAL B 135 2.33 -12.09 -19.58
N MET B 136 1.39 -12.82 -20.18
CA MET B 136 -0.02 -12.71 -19.85
C MET B 136 -0.59 -14.12 -19.70
N HIS B 137 -1.63 -14.24 -18.87
CA HIS B 137 -2.33 -15.51 -18.76
C HIS B 137 -3.18 -15.71 -20.01
N GLY B 138 -3.13 -16.92 -20.57
CA GLY B 138 -3.88 -17.22 -21.76
C GLY B 138 -3.36 -18.48 -22.43
N TRP B 139 -3.89 -18.73 -23.62
CA TRP B 139 -3.56 -19.92 -24.39
C TRP B 139 -3.30 -19.54 -25.84
N ASN B 140 -2.25 -20.11 -26.42
CA ASN B 140 -1.87 -19.75 -27.78
C ASN B 140 -2.96 -20.12 -28.79
N GLU B 141 -3.54 -21.32 -28.64
CA GLU B 141 -4.60 -21.73 -29.56
C GLU B 141 -5.78 -20.77 -29.50
N MET B 142 -6.11 -20.28 -28.30
CA MET B 142 -7.24 -19.37 -28.17
C MET B 142 -6.94 -18.01 -28.81
N VAL B 143 -5.69 -17.57 -28.78
CA VAL B 143 -5.33 -16.26 -29.32
C VAL B 143 -5.07 -16.36 -30.82
N TYR B 144 -4.11 -17.21 -31.21
CA TYR B 144 -3.61 -17.21 -32.57
C TYR B 144 -4.52 -17.99 -33.53
N ASP B 145 -5.20 -19.03 -33.05
CA ASP B 145 -6.09 -19.81 -33.90
C ASP B 145 -7.53 -19.33 -33.78
N GLN B 146 -8.18 -19.65 -32.66
CA GLN B 146 -9.57 -19.26 -32.45
C GLN B 146 -9.77 -17.75 -32.53
N LYS B 147 -8.72 -16.96 -32.30
CA LYS B 147 -8.85 -15.51 -32.16
C LYS B 147 -9.98 -15.18 -31.19
N ASN B 148 -10.03 -15.92 -30.08
CA ASN B 148 -11.04 -15.71 -29.06
C ASN B 148 -10.67 -14.49 -28.22
N TRP B 149 -11.64 -13.60 -27.99
CA TRP B 149 -11.33 -12.34 -27.32
C TRP B 149 -10.92 -12.55 -25.86
N ILE B 150 -11.21 -13.70 -25.28
CA ILE B 150 -10.73 -14.04 -23.94
C ILE B 150 -9.58 -15.04 -24.01
N GLY B 151 -8.90 -15.15 -25.15
CA GLY B 151 -7.74 -15.99 -25.23
C GLY B 151 -6.62 -15.59 -24.30
N LEU B 152 -6.66 -14.36 -23.79
CA LEU B 152 -5.68 -13.88 -22.85
C LEU B 152 -6.33 -12.82 -21.96
N ASN B 153 -5.62 -12.41 -20.92
CA ASN B 153 -6.12 -11.43 -19.98
C ASN B 153 -5.08 -10.33 -19.77
N THR B 154 -5.55 -9.09 -19.68
CA THR B 154 -4.68 -7.93 -19.51
C THR B 154 -4.87 -7.26 -18.15
N GLY B 155 -5.57 -7.92 -17.22
CA GLY B 155 -5.70 -7.43 -15.87
C GLY B 155 -4.57 -7.84 -14.95
N SER B 156 -3.62 -8.65 -15.42
CA SER B 156 -2.47 -9.05 -14.62
C SER B 156 -1.40 -9.56 -15.59
N PHE B 157 -0.42 -8.71 -15.89
CA PHE B 157 0.59 -9.06 -16.87
C PHE B 157 1.92 -8.39 -16.53
N LEU B 158 3.00 -9.00 -17.00
CA LEU B 158 4.34 -8.46 -16.87
C LEU B 158 4.78 -7.87 -18.20
N LEU B 159 5.42 -6.70 -18.14
CA LEU B 159 5.98 -6.04 -19.32
C LEU B 159 7.41 -5.66 -19.02
N ARG B 160 8.34 -6.14 -19.85
CA ARG B 160 9.75 -5.85 -19.65
C ARG B 160 10.07 -4.44 -20.11
N ASN B 161 10.96 -3.77 -19.37
CA ASN B 161 11.39 -2.42 -19.71
C ASN B 161 12.40 -2.55 -20.85
N SER B 162 11.94 -2.30 -22.07
CA SER B 162 12.75 -2.54 -23.26
C SER B 162 12.19 -1.72 -24.41
N GLN B 163 12.98 -1.63 -25.48
CA GLN B 163 12.49 -1.00 -26.70
C GLN B 163 11.32 -1.78 -27.27
N TRP B 164 11.37 -3.11 -27.17
CA TRP B 164 10.28 -3.95 -27.66
C TRP B 164 8.95 -3.53 -27.03
N SER B 165 8.96 -3.17 -25.75
CA SER B 165 7.73 -2.83 -25.05
C SER B 165 7.23 -1.44 -25.43
N LEU B 166 8.14 -0.47 -25.60
CA LEU B 166 7.74 0.85 -26.09
C LEU B 166 7.05 0.74 -27.43
N ASP B 167 7.58 -0.09 -28.33
CA ASP B 167 6.93 -0.30 -29.62
C ASP B 167 5.63 -1.07 -29.46
N LEU B 168 5.63 -2.11 -28.62
CA LEU B 168 4.40 -2.85 -28.33
C LEU B 168 3.31 -1.90 -27.87
N LEU B 169 3.64 -0.98 -26.96
CA LEU B 169 2.66 -0.01 -26.49
C LEU B 169 2.14 0.85 -27.64
N ASP B 170 3.03 1.35 -28.48
CA ASP B 170 2.60 2.13 -29.65
C ASP B 170 1.64 1.33 -30.52
N ALA B 171 1.93 0.04 -30.73
CA ALA B 171 1.09 -0.79 -31.58
C ALA B 171 -0.25 -1.10 -30.93
N TRP B 172 -0.33 -1.03 -29.60
CA TRP B 172 -1.51 -1.44 -28.85
C TRP B 172 -2.49 -0.30 -28.62
N ALA B 173 -2.02 0.94 -28.61
CA ALA B 173 -2.82 2.10 -28.22
C ALA B 173 -3.80 2.61 -29.27
N PRO B 174 -3.60 2.37 -30.58
CA PRO B 174 -4.46 3.04 -31.57
C PRO B 174 -5.96 2.92 -31.34
N MET B 175 -6.44 1.78 -30.85
CA MET B 175 -7.87 1.58 -30.68
C MET B 175 -8.41 2.19 -29.39
N GLY B 176 -7.57 2.87 -28.62
CA GLY B 176 -7.94 3.34 -27.30
C GLY B 176 -8.68 4.67 -27.24
N PRO B 177 -8.21 5.68 -28.01
CA PRO B 177 -8.80 7.02 -27.90
C PRO B 177 -10.33 7.03 -27.86
N LYS B 178 -10.87 7.59 -26.78
CA LYS B 178 -12.31 7.64 -26.55
C LYS B 178 -13.05 8.22 -27.75
N GLY B 179 -14.35 7.93 -27.84
CA GLY B 179 -15.18 8.51 -28.88
C GLY B 179 -15.33 7.63 -30.11
N LYS B 180 -15.40 8.26 -31.28
CA LYS B 180 -15.62 7.53 -32.52
C LYS B 180 -14.52 6.50 -32.76
N ILE B 181 -13.28 6.81 -32.37
CA ILE B 181 -12.17 5.90 -32.61
C ILE B 181 -12.40 4.57 -31.89
N ARG B 182 -12.69 4.64 -30.59
CA ARG B 182 -12.89 3.41 -29.81
C ARG B 182 -14.15 2.69 -30.23
N GLU B 183 -15.21 3.43 -30.56
CA GLU B 183 -16.47 2.80 -30.95
C GLU B 183 -16.32 2.03 -32.26
N GLU B 184 -15.84 2.70 -33.31
CA GLU B 184 -15.65 2.02 -34.58
C GLU B 184 -14.64 0.89 -34.46
N ALA B 185 -13.65 1.03 -33.57
CA ALA B 185 -12.72 -0.06 -33.33
C ALA B 185 -13.42 -1.25 -32.67
N GLY B 186 -14.39 -0.97 -31.80
CA GLY B 186 -15.17 -2.04 -31.19
C GLY B 186 -15.94 -2.84 -32.20
N LYS B 187 -16.44 -2.19 -33.26
CA LYS B 187 -17.11 -2.92 -34.33
C LYS B 187 -16.15 -3.88 -35.03
N VAL B 188 -14.89 -3.47 -35.21
CA VAL B 188 -13.90 -4.33 -35.86
C VAL B 188 -13.63 -5.55 -34.99
N LEU B 189 -13.37 -5.33 -33.70
CA LEU B 189 -13.02 -6.43 -32.81
C LEU B 189 -14.18 -7.42 -32.67
N THR B 190 -15.40 -6.91 -32.54
CA THR B 190 -16.57 -7.80 -32.48
C THR B 190 -16.70 -8.62 -33.75
N ARG B 191 -16.29 -8.05 -34.90
CA ARG B 191 -16.44 -8.73 -36.17
C ARG B 191 -15.30 -9.72 -36.42
N GLU B 192 -14.09 -9.38 -35.98
CA GLU B 192 -12.91 -10.18 -36.29
C GLU B 192 -12.52 -11.16 -35.17
N LEU B 193 -13.15 -11.07 -34.01
CA LEU B 193 -12.83 -11.94 -32.88
C LEU B 193 -14.02 -12.83 -32.55
N LYS B 194 -13.71 -14.05 -32.11
CA LYS B 194 -14.75 -15.02 -31.80
C LYS B 194 -15.32 -14.77 -30.41
N ASP B 195 -16.65 -14.88 -30.31
CA ASP B 195 -17.39 -14.79 -29.05
C ASP B 195 -17.38 -13.39 -28.44
N ARG B 196 -16.81 -12.40 -29.12
CA ARG B 196 -16.80 -11.06 -28.53
C ARG B 196 -18.17 -10.42 -28.67
N PRO B 197 -18.75 -9.88 -27.60
CA PRO B 197 -19.97 -9.09 -27.74
C PRO B 197 -19.67 -7.75 -28.39
N ALA B 198 -20.74 -7.01 -28.68
CA ALA B 198 -20.63 -5.71 -29.33
C ALA B 198 -20.50 -4.63 -28.27
N PHE B 199 -19.36 -3.93 -28.27
CA PHE B 199 -19.14 -2.80 -27.38
C PHE B 199 -17.81 -2.16 -27.78
N GLU B 200 -17.56 -0.98 -27.25
CA GLU B 200 -16.36 -0.23 -27.62
C GLU B 200 -15.11 -1.06 -27.36
N ALA B 201 -14.06 -0.76 -28.12
CA ALA B 201 -12.82 -1.53 -28.02
C ALA B 201 -12.26 -1.48 -26.60
N ASP B 202 -11.82 -2.63 -26.12
CA ASP B 202 -11.13 -2.73 -24.84
C ASP B 202 -9.68 -3.15 -25.07
N ASP B 203 -8.85 -2.85 -24.08
CA ASP B 203 -7.42 -3.13 -24.21
C ASP B 203 -7.15 -4.62 -24.40
N GLN B 204 -7.96 -5.48 -23.79
CA GLN B 204 -7.74 -6.91 -23.88
C GLN B 204 -8.01 -7.43 -25.30
N SER B 205 -9.18 -7.10 -25.86
CA SER B 205 -9.51 -7.55 -27.21
C SER B 205 -8.49 -7.04 -28.22
N ALA B 206 -8.03 -5.79 -28.06
CA ALA B 206 -7.05 -5.24 -28.98
C ALA B 206 -5.75 -6.05 -28.95
N MET B 207 -5.34 -6.51 -27.76
CA MET B 207 -4.12 -7.31 -27.68
C MET B 207 -4.27 -8.63 -28.43
N VAL B 208 -5.43 -9.28 -28.31
CA VAL B 208 -5.70 -10.49 -29.09
C VAL B 208 -5.63 -10.17 -30.57
N TYR B 209 -6.29 -9.09 -30.99
CA TYR B 209 -6.26 -8.69 -32.39
C TYR B 209 -4.84 -8.44 -32.86
N LEU B 210 -4.07 -7.66 -32.10
CA LEU B 210 -2.70 -7.36 -32.48
C LEU B 210 -1.87 -8.63 -32.61
N LEU B 211 -1.97 -9.54 -31.64
CA LEU B 211 -1.13 -10.74 -31.65
C LEU B 211 -1.59 -11.75 -32.69
N ALA B 212 -2.90 -11.79 -32.99
CA ALA B 212 -3.39 -12.74 -33.98
C ALA B 212 -2.98 -12.33 -35.38
N THR B 213 -3.08 -11.04 -35.70
CA THR B 213 -2.74 -10.57 -37.04
C THR B 213 -1.22 -10.43 -37.21
N GLU B 214 -0.55 -9.81 -36.24
CA GLU B 214 0.89 -9.54 -36.33
C GLU B 214 1.70 -10.50 -35.47
N ARG B 215 1.39 -11.80 -35.53
CA ARG B 215 2.09 -12.76 -34.68
C ARG B 215 3.58 -12.81 -35.00
N GLU B 216 3.94 -12.72 -36.29
CA GLU B 216 5.34 -12.78 -36.67
C GLU B 216 6.16 -11.70 -35.99
N LYS B 217 5.55 -10.55 -35.72
CA LYS B 217 6.28 -9.42 -35.16
C LYS B 217 6.41 -9.53 -33.64
N TRP B 218 5.34 -9.91 -32.95
CA TRP B 218 5.29 -9.87 -31.50
C TRP B 218 5.33 -11.23 -30.82
N GLY B 219 4.81 -12.27 -31.48
CA GLY B 219 4.60 -13.55 -30.79
C GLY B 219 5.85 -14.13 -30.19
N GLY B 220 7.00 -13.90 -30.81
CA GLY B 220 8.23 -14.52 -30.33
C GLY B 220 8.61 -14.12 -28.92
N LYS B 221 8.24 -12.91 -28.51
CA LYS B 221 8.57 -12.40 -27.18
C LYS B 221 7.39 -12.42 -26.22
N VAL B 222 6.21 -12.83 -26.68
CA VAL B 222 5.04 -12.95 -25.82
C VAL B 222 5.01 -14.36 -25.23
N TYR B 223 4.71 -14.45 -23.95
CA TYR B 223 4.56 -15.73 -23.25
C TYR B 223 3.14 -15.80 -22.71
N LEU B 224 2.31 -16.65 -23.31
CA LEU B 224 0.95 -16.87 -22.84
C LEU B 224 0.99 -17.97 -21.79
N GLU B 225 0.90 -17.58 -20.52
CA GLU B 225 1.05 -18.50 -19.41
C GLU B 225 -0.30 -19.10 -19.03
N SER B 226 -0.33 -20.42 -18.82
CA SER B 226 -1.54 -21.08 -18.36
C SER B 226 -1.23 -22.21 -17.37
N GLY B 227 -0.02 -22.26 -16.82
CA GLY B 227 0.35 -23.27 -15.85
C GLY B 227 -0.03 -22.89 -14.43
N TYR B 228 -0.13 -21.58 -14.18
CA TYR B 228 -0.66 -21.06 -12.93
C TYR B 228 -1.59 -19.90 -13.26
N TYR B 229 -2.40 -19.50 -12.29
CA TYR B 229 -3.38 -18.44 -12.50
C TYR B 229 -2.77 -17.07 -12.23
N LEU B 230 -1.87 -16.68 -13.13
CA LEU B 230 -1.45 -15.29 -13.19
C LEU B 230 -2.67 -14.38 -13.26
N HIS B 231 -3.67 -14.80 -14.02
CA HIS B 231 -5.02 -14.29 -13.91
C HIS B 231 -5.95 -15.48 -13.63
N GLY B 232 -6.93 -15.28 -12.76
CA GLY B 232 -7.88 -16.33 -12.43
C GLY B 232 -9.31 -15.84 -12.44
N TYR B 233 -10.11 -16.35 -13.39
CA TYR B 233 -11.51 -15.97 -13.46
C TYR B 233 -12.24 -16.41 -12.19
N TRP B 234 -12.84 -15.44 -11.50
CA TRP B 234 -13.44 -15.71 -10.19
C TRP B 234 -14.62 -16.68 -10.30
N GLY B 235 -15.30 -16.71 -11.44
CA GLY B 235 -16.55 -17.45 -11.56
C GLY B 235 -16.40 -18.95 -11.42
N ILE B 236 -15.18 -19.48 -11.56
CA ILE B 236 -14.94 -20.91 -11.44
C ILE B 236 -14.04 -21.26 -10.26
N LEU B 237 -13.51 -20.25 -9.54
CA LEU B 237 -12.57 -20.49 -8.46
C LEU B 237 -13.19 -20.28 -7.07
N VAL B 238 -13.91 -19.18 -6.86
CA VAL B 238 -14.27 -18.79 -5.50
C VAL B 238 -15.08 -19.87 -4.79
N ASP B 239 -15.89 -20.62 -5.54
CA ASP B 239 -16.71 -21.66 -4.91
C ASP B 239 -15.89 -22.84 -4.42
N ARG B 240 -14.64 -22.97 -4.86
CA ARG B 240 -13.81 -24.12 -4.53
C ARG B 240 -12.77 -23.83 -3.45
N TYR B 241 -12.81 -22.63 -2.84
CA TYR B 241 -11.84 -22.31 -1.80
C TYR B 241 -11.82 -23.36 -0.70
N GLU B 242 -13.00 -23.80 -0.25
CA GLU B 242 -13.07 -24.80 0.81
C GLU B 242 -12.39 -26.10 0.38
N GLU B 243 -12.68 -26.58 -0.82
CA GLU B 243 -12.00 -27.76 -1.34
C GLU B 243 -10.49 -27.58 -1.31
N MET B 244 -10.03 -26.36 -1.62
CA MET B 244 -8.59 -26.10 -1.65
C MET B 244 -7.99 -26.15 -0.26
N ILE B 245 -8.64 -25.54 0.72
CA ILE B 245 -8.14 -25.54 2.09
C ILE B 245 -8.08 -26.96 2.63
N GLU B 246 -8.95 -27.84 2.14
CA GLU B 246 -9.08 -29.19 2.67
C GLU B 246 -8.10 -30.17 2.04
N ASN B 247 -7.75 -29.99 0.76
CA ASN B 247 -6.94 -30.95 0.03
C ASN B 247 -5.56 -30.43 -0.35
N HIS B 248 -5.30 -29.12 -0.22
CA HIS B 248 -4.06 -28.56 -0.73
C HIS B 248 -3.57 -27.50 0.25
N LYS B 249 -2.56 -26.75 -0.19
CA LYS B 249 -1.88 -25.76 0.63
C LYS B 249 -1.39 -24.65 -0.29
N PRO B 250 -1.09 -23.47 0.27
CA PRO B 250 -0.58 -22.38 -0.57
C PRO B 250 0.77 -22.72 -1.18
N GLY B 251 0.97 -22.25 -2.40
CA GLY B 251 2.26 -22.41 -3.07
C GLY B 251 2.14 -22.93 -4.49
N PHE B 252 0.99 -23.54 -4.82
CA PHE B 252 0.83 -24.14 -6.14
C PHE B 252 0.57 -23.08 -7.21
N GLY B 253 -0.25 -22.08 -6.91
CA GLY B 253 -0.54 -21.02 -7.84
C GLY B 253 -1.59 -21.34 -8.89
N ASP B 254 -1.97 -22.60 -9.05
CA ASP B 254 -2.85 -23.04 -10.12
C ASP B 254 -4.21 -23.48 -9.56
N HIS B 255 -4.90 -24.36 -10.30
CA HIS B 255 -6.22 -24.82 -9.90
C HIS B 255 -6.27 -25.30 -8.45
N ARG B 256 -5.14 -25.70 -7.86
CA ARG B 256 -5.13 -26.13 -6.48
C ARG B 256 -5.14 -24.97 -5.50
N TRP B 257 -4.63 -23.81 -5.92
CA TRP B 257 -4.51 -22.65 -5.06
C TRP B 257 -4.15 -21.45 -5.94
N PRO B 258 -5.12 -20.74 -6.50
CA PRO B 258 -4.81 -19.74 -7.52
C PRO B 258 -4.00 -18.58 -6.96
N LEU B 259 -2.98 -18.17 -7.72
CA LEU B 259 -2.21 -16.99 -7.35
C LEU B 259 -3.11 -15.76 -7.33
N VAL B 260 -3.93 -15.58 -8.37
CA VAL B 260 -4.77 -14.40 -8.52
C VAL B 260 -6.20 -14.86 -8.72
N THR B 261 -7.13 -14.20 -8.01
CA THR B 261 -8.56 -14.33 -8.26
C THR B 261 -9.03 -12.97 -8.78
N HIS B 262 -9.43 -12.93 -10.04
CA HIS B 262 -9.75 -11.69 -10.76
C HIS B 262 -11.25 -11.60 -10.95
N PHE B 263 -11.87 -10.58 -10.34
CA PHE B 263 -13.32 -10.46 -10.32
C PHE B 263 -13.83 -9.70 -11.55
N VAL B 264 -13.50 -10.26 -12.71
CA VAL B 264 -13.93 -9.68 -13.97
C VAL B 264 -15.45 -9.57 -13.99
N GLY B 265 -15.95 -8.42 -14.43
CA GLY B 265 -17.37 -8.21 -14.61
C GLY B 265 -18.14 -7.79 -13.37
N CYS B 266 -17.51 -7.82 -12.19
CA CYS B 266 -18.24 -7.47 -10.98
C CYS B 266 -18.36 -5.96 -10.80
N LYS B 267 -17.35 -5.20 -11.21
CA LYS B 267 -17.35 -3.74 -11.17
C LYS B 267 -17.89 -3.23 -9.82
N PRO B 268 -17.20 -3.53 -8.72
CA PRO B 268 -17.68 -3.05 -7.41
C PRO B 268 -17.70 -1.54 -7.27
N CYS B 269 -17.09 -0.80 -8.19
CA CYS B 269 -17.00 0.65 -8.11
C CYS B 269 -18.01 1.37 -8.99
N GLY B 270 -18.74 0.63 -9.84
CA GLY B 270 -19.76 1.21 -10.68
C GLY B 270 -21.17 0.96 -10.16
N LYS B 271 -22.14 1.49 -10.90
CA LYS B 271 -23.54 1.34 -10.50
C LYS B 271 -24.03 -0.08 -10.74
N PHE B 272 -23.63 -0.70 -11.85
CA PHE B 272 -24.10 -2.04 -12.19
C PHE B 272 -22.97 -2.85 -12.79
N GLY B 273 -22.91 -4.14 -12.41
CA GLY B 273 -21.98 -5.08 -12.98
C GLY B 273 -22.72 -6.19 -13.72
N ASP B 274 -21.95 -7.03 -14.40
CA ASP B 274 -22.50 -8.12 -15.18
C ASP B 274 -22.98 -9.29 -14.35
N TYR B 275 -22.90 -9.22 -13.02
CA TYR B 275 -23.29 -10.32 -12.16
C TYR B 275 -24.06 -9.78 -10.96
N PRO B 276 -24.78 -10.64 -10.25
CA PRO B 276 -25.43 -10.20 -9.00
C PRO B 276 -24.45 -9.53 -8.06
N VAL B 277 -24.84 -8.35 -7.57
CA VAL B 277 -23.98 -7.61 -6.65
C VAL B 277 -23.77 -8.40 -5.37
N GLU B 278 -24.80 -9.10 -4.90
CA GLU B 278 -24.68 -9.92 -3.70
C GLU B 278 -23.55 -10.92 -3.84
N ARG B 279 -23.56 -11.71 -4.91
CA ARG B 279 -22.55 -12.74 -5.08
C ARG B 279 -21.17 -12.13 -5.30
N CYS B 280 -21.11 -11.00 -6.01
CA CYS B 280 -19.82 -10.37 -6.28
C CYS B 280 -19.12 -9.99 -4.98
N LEU B 281 -19.83 -9.30 -4.09
CA LEU B 281 -19.19 -8.77 -2.88
C LEU B 281 -18.93 -9.87 -1.85
N ARG B 282 -19.86 -10.80 -1.69
CA ARG B 282 -19.62 -11.90 -0.76
C ARG B 282 -18.45 -12.76 -1.23
N GLN B 283 -18.31 -12.95 -2.53
CA GLN B 283 -17.19 -13.73 -3.05
C GLN B 283 -15.89 -12.93 -3.03
N MET B 284 -15.97 -11.59 -3.12
CA MET B 284 -14.79 -10.78 -2.90
C MET B 284 -14.36 -10.79 -1.45
N ASP B 285 -15.32 -10.89 -0.52
CA ASP B 285 -14.98 -11.08 0.88
C ASP B 285 -14.30 -12.42 1.10
N ARG B 286 -14.86 -13.49 0.52
CA ARG B 286 -14.26 -14.82 0.67
C ARG B 286 -12.87 -14.85 0.07
N ALA B 287 -12.68 -14.23 -1.10
CA ALA B 287 -11.36 -14.20 -1.72
C ALA B 287 -10.37 -13.42 -0.84
N PHE B 288 -10.79 -12.27 -0.32
CA PHE B 288 -9.90 -11.48 0.51
C PHE B 288 -9.50 -12.25 1.77
N ASN B 289 -10.45 -12.93 2.40
CA ASN B 289 -10.12 -13.71 3.59
C ASN B 289 -9.28 -14.93 3.24
N PHE B 290 -9.48 -15.50 2.05
CA PHE B 290 -8.66 -16.64 1.63
C PHE B 290 -7.18 -16.28 1.61
N GLY B 291 -6.87 -15.05 1.19
CA GLY B 291 -5.49 -14.59 1.20
C GLY B 291 -5.08 -14.07 2.57
N ASP B 292 -5.95 -13.28 3.20
CA ASP B 292 -5.64 -12.72 4.51
C ASP B 292 -5.37 -13.81 5.54
N ASN B 293 -6.06 -14.97 5.41
CA ASN B 293 -5.78 -16.08 6.31
C ASN B 293 -4.32 -16.50 6.24
N GLN B 294 -3.70 -16.37 5.08
CA GLN B 294 -2.29 -16.72 4.95
C GLN B 294 -1.40 -15.68 5.62
N ILE B 295 -1.84 -14.42 5.69
CA ILE B 295 -1.11 -13.39 6.40
C ILE B 295 -1.26 -13.59 7.91
N LEU B 296 -2.52 -13.71 8.38
CA LEU B 296 -2.76 -13.81 9.81
C LEU B 296 -2.18 -15.07 10.41
N GLN B 297 -2.02 -16.13 9.61
CA GLN B 297 -1.43 -17.36 10.12
C GLN B 297 -0.03 -17.13 10.66
N MET B 298 0.75 -16.24 10.00
CA MET B 298 2.06 -15.88 10.51
C MET B 298 1.98 -15.37 11.95
N TYR B 299 0.88 -14.72 12.32
CA TYR B 299 0.76 -14.04 13.59
C TYR B 299 -0.19 -14.74 14.55
N GLY B 300 -0.61 -15.98 14.24
CA GLY B 300 -1.40 -16.75 15.16
C GLY B 300 -2.89 -16.46 15.14
N PHE B 301 -3.41 -15.96 14.02
CA PHE B 301 -4.83 -15.67 13.89
C PHE B 301 -5.37 -16.21 12.56
N THR B 302 -6.69 -16.30 12.49
CA THR B 302 -7.38 -16.68 11.27
C THR B 302 -8.80 -16.12 11.33
N HIS B 303 -9.41 -15.96 10.17
CA HIS B 303 -10.80 -15.54 10.13
C HIS B 303 -11.71 -16.66 10.60
N LYS B 304 -12.68 -16.31 11.45
CA LYS B 304 -13.60 -17.31 11.99
C LYS B 304 -14.15 -18.20 10.89
N SER B 305 -14.65 -17.58 9.82
CA SER B 305 -15.01 -18.30 8.60
C SER B 305 -14.56 -17.49 7.41
N LEU B 306 -14.69 -18.08 6.23
CA LEU B 306 -14.21 -17.42 5.02
C LEU B 306 -15.05 -16.19 4.66
N GLY B 307 -16.23 -16.03 5.25
CA GLY B 307 -17.06 -14.88 5.01
C GLY B 307 -17.21 -13.93 6.19
N SER B 308 -16.42 -14.11 7.25
CA SER B 308 -16.53 -13.28 8.45
C SER B 308 -15.40 -12.27 8.51
N ARG B 309 -15.72 -11.05 8.98
CA ARG B 309 -14.69 -10.07 9.27
C ARG B 309 -13.96 -10.35 10.56
N ARG B 310 -14.57 -11.11 11.47
CA ARG B 310 -13.97 -11.41 12.76
C ARG B 310 -12.86 -12.44 12.62
N VAL B 311 -11.87 -12.35 13.51
CA VAL B 311 -10.75 -13.27 13.53
C VAL B 311 -10.72 -13.97 14.88
N LYS B 312 -9.93 -15.04 14.96
CA LYS B 312 -9.78 -15.83 16.16
C LYS B 312 -8.34 -16.32 16.23
N PRO B 313 -7.85 -16.68 17.41
CA PRO B 313 -6.51 -17.23 17.50
C PRO B 313 -6.44 -18.67 17.01
N THR B 314 -5.27 -19.05 16.50
CA THR B 314 -4.99 -20.42 16.10
C THR B 314 -4.08 -21.13 17.09
N ARG B 315 -3.63 -20.44 18.14
CA ARG B 315 -2.74 -21.00 19.14
C ARG B 315 -2.69 -20.04 20.32
N ASN B 316 -2.27 -20.55 21.47
CA ASN B 316 -2.09 -19.69 22.63
C ASN B 316 -0.85 -18.82 22.47
N GLN B 317 -0.89 -17.63 23.07
CA GLN B 317 0.29 -16.79 23.10
C GLN B 317 1.39 -17.45 23.93
N THR B 318 2.62 -16.97 23.74
CA THR B 318 3.77 -17.55 24.43
C THR B 318 4.74 -16.44 24.82
N ASP B 319 5.56 -16.75 25.81
CA ASP B 319 6.72 -15.93 26.14
C ASP B 319 7.95 -16.34 25.34
N ARG B 320 7.79 -17.27 24.40
CA ARG B 320 8.88 -17.73 23.54
C ARG B 320 8.41 -17.59 22.09
N PRO B 321 8.18 -16.36 21.63
CA PRO B 321 7.63 -16.17 20.28
C PRO B 321 8.55 -16.60 19.17
N LEU B 322 9.87 -16.58 19.39
CA LEU B 322 10.82 -16.94 18.34
C LEU B 322 10.94 -18.44 18.14
N ASP B 323 10.40 -19.26 19.04
CA ASP B 323 10.43 -20.71 18.85
C ASP B 323 9.34 -21.19 17.90
N ALA B 324 8.34 -20.35 17.63
CA ALA B 324 7.16 -20.78 16.88
C ALA B 324 7.54 -21.16 15.46
N LYS B 325 6.80 -22.12 14.91
CA LYS B 325 6.96 -22.54 13.52
C LYS B 325 6.10 -21.66 12.64
N ASP B 326 6.73 -20.91 11.74
CA ASP B 326 6.03 -20.21 10.67
C ASP B 326 5.78 -21.23 9.56
N GLU B 327 4.52 -21.65 9.41
CA GLU B 327 4.25 -22.87 8.64
C GLU B 327 4.79 -22.77 7.21
N PHE B 328 4.67 -21.60 6.58
CA PHE B 328 5.06 -21.43 5.19
C PHE B 328 6.24 -20.49 5.00
N GLY B 329 6.92 -20.10 6.08
CA GLY B 329 8.10 -19.27 5.98
C GLY B 329 7.85 -17.96 5.29
N LEU B 330 6.78 -17.26 5.66
CA LEU B 330 6.47 -15.95 5.10
C LEU B 330 6.86 -14.80 6.02
N LEU B 331 7.19 -15.07 7.28
CA LEU B 331 7.67 -14.01 8.16
C LEU B 331 9.05 -13.52 7.72
N HIS B 332 9.90 -14.44 7.28
CA HIS B 332 11.26 -14.13 6.83
C HIS B 332 11.55 -14.94 5.57
N PRO B 333 10.86 -14.63 4.47
CA PRO B 333 11.07 -15.39 3.24
C PRO B 333 12.36 -14.98 2.55
N PRO B 334 12.90 -15.83 1.68
CA PRO B 334 14.13 -15.44 0.97
C PRO B 334 13.93 -14.31 -0.03
N PHE B 335 12.68 -13.95 -0.33
CA PHE B 335 12.42 -12.85 -1.25
C PHE B 335 12.86 -11.51 -0.67
N LYS B 336 13.06 -11.43 0.63
CA LYS B 336 13.65 -10.27 1.29
C LYS B 336 15.07 -10.64 1.72
N ALA B 337 15.96 -10.74 0.73
CA ALA B 337 17.31 -11.25 0.93
C ALA B 337 18.14 -10.32 1.81
#